data_9J9O
#
_entry.id   9J9O
#
_cell.length_a   137.800
_cell.length_b   137.800
_cell.length_c   49.545
_cell.angle_alpha   90.00
_cell.angle_beta   90.00
_cell.angle_gamma   120.00
#
_symmetry.space_group_name_H-M   'P 3'
#
loop_
_entity.id
_entity.type
_entity.pdbx_description
1 polymer 'Outer membrane porin F'
2 non-polymer 'ZINC ION'
#
_entity_poly.entity_id   1
_entity_poly.type   'polypeptide(L)'
_entity_poly.pdbx_seq_one_letter_code
;AEIYNKDGNKVDLGGKAVGLHYFSKGNGENSYGGNGDMTYARLGFKGETQINSDLTGYGHWHYNFQGNNSEGADAQTGNK
TREAFAGLKYADVGSFDYGRNHGVVYDALGYTDMLPEFGGDTAYSDDFFVGHVGGVATYRNSNFFGLVDGLNFAVQYLGK
NERDTARRSNGDGVGGSISYEYEGFGIVGAYGAADRTNLQEAQPLGNGKKAEQWATGLKYDANNIYLAANYGETRNATPI
TNKFTNTSGFANKTQDVLLVAQYQFDFGLRPSIAYTKSKAKDVEGIGDVDLVNYFEVGATYYFNKNMSTYVDYIINQIDS
DNKLGVGSDDTVAVGIVYQF
;
_entity_poly.pdbx_strand_id   A,B
#
loop_
_chem_comp.id
_chem_comp.type
_chem_comp.name
_chem_comp.formula
ZN non-polymer 'ZINC ION' 'Zn 2'
#
# COMPACT_ATOMS: atom_id res chain seq x y z
N ALA A 1 -23.12 -20.13 11.71
CA ALA A 1 -24.41 -20.77 11.33
C ALA A 1 -25.47 -20.55 12.42
N GLU A 2 -26.54 -19.82 12.09
CA GLU A 2 -27.59 -19.49 13.04
C GLU A 2 -28.38 -20.74 13.39
N ILE A 3 -28.37 -21.11 14.68
CA ILE A 3 -29.03 -22.32 15.13
C ILE A 3 -30.22 -21.98 16.04
N TYR A 4 -30.38 -20.71 16.42
CA TYR A 4 -31.49 -20.30 17.27
C TYR A 4 -31.88 -18.86 16.95
N ASN A 5 -33.19 -18.62 16.85
CA ASN A 5 -33.72 -17.30 16.52
C ASN A 5 -35.17 -17.23 16.95
N LYS A 6 -35.38 -17.06 18.26
CA LYS A 6 -36.72 -17.00 18.85
C LYS A 6 -36.68 -15.89 19.91
N ASP A 7 -37.71 -15.03 19.89
CA ASP A 7 -37.96 -14.07 20.96
C ASP A 7 -36.82 -13.07 21.10
N GLY A 8 -36.35 -12.52 19.98
CA GLY A 8 -35.35 -11.46 20.02
C GLY A 8 -33.97 -11.88 20.56
N ASN A 9 -33.64 -13.18 20.50
CA ASN A 9 -32.27 -13.61 20.71
C ASN A 9 -31.88 -14.57 19.59
N LYS A 10 -30.76 -14.30 18.92
CA LYS A 10 -30.24 -15.17 17.89
C LYS A 10 -28.83 -15.67 18.30
N VAL A 11 -28.54 -16.96 18.04
CA VAL A 11 -27.28 -17.56 18.40
C VAL A 11 -26.68 -18.25 17.18
N ASP A 12 -25.40 -17.99 16.91
CA ASP A 12 -24.69 -18.61 15.81
C ASP A 12 -23.68 -19.56 16.40
N LEU A 13 -23.68 -20.81 15.92
CA LEU A 13 -22.63 -21.75 16.24
C LEU A 13 -21.63 -21.75 15.10
N GLY A 14 -20.35 -21.63 15.48
CA GLY A 14 -19.26 -21.66 14.52
C GLY A 14 -18.27 -22.76 14.83
N GLY A 15 -17.66 -23.32 13.78
CA GLY A 15 -16.62 -24.33 13.96
C GLY A 15 -15.87 -24.59 12.66
N LYS A 16 -14.59 -24.98 12.79
CA LYS A 16 -13.90 -25.52 11.64
C LYS A 16 -13.00 -26.67 12.06
N ALA A 17 -12.81 -27.60 11.13
CA ALA A 17 -11.83 -28.65 11.22
C ALA A 17 -10.74 -28.37 10.20
N VAL A 18 -9.48 -28.31 10.66
CA VAL A 18 -8.38 -27.91 9.80
C VAL A 18 -7.36 -29.02 9.78
N GLY A 19 -7.37 -29.83 8.72
CA GLY A 19 -6.31 -30.80 8.48
C GLY A 19 -5.10 -30.05 7.96
N LEU A 20 -3.96 -30.18 8.64
CA LEU A 20 -2.85 -29.28 8.40
C LEU A 20 -1.53 -29.99 8.68
N HIS A 21 -0.61 -29.93 7.71
CA HIS A 21 0.73 -30.48 7.89
C HIS A 21 1.79 -29.48 7.46
N TYR A 22 2.85 -29.34 8.26
CA TYR A 22 4.01 -28.51 7.94
C TYR A 22 5.17 -29.40 7.50
N PHE A 23 5.91 -28.93 6.48
CA PHE A 23 7.08 -29.64 5.98
C PHE A 23 8.32 -28.76 6.14
N SER A 24 9.35 -29.29 6.80
CA SER A 24 10.61 -28.59 6.98
C SER A 24 11.80 -29.56 6.95
N LYS A 25 13.02 -29.01 6.88
CA LYS A 25 14.23 -29.74 6.48
C LYS A 25 14.51 -30.92 7.41
N GLY A 26 15.01 -30.67 8.62
CA GLY A 26 15.33 -31.76 9.53
C GLY A 26 14.17 -32.02 10.46
N ASN A 27 14.43 -31.91 11.77
CA ASN A 27 13.41 -31.98 12.80
C ASN A 27 12.45 -30.78 12.71
N GLY A 28 12.79 -29.77 11.90
CA GLY A 28 12.09 -28.50 11.87
C GLY A 28 12.53 -27.57 13.00
N GLU A 29 13.53 -27.97 13.80
CA GLU A 29 13.93 -27.20 14.96
C GLU A 29 14.64 -25.91 14.50
N ASN A 30 15.21 -25.87 13.29
CA ASN A 30 15.82 -24.65 12.78
C ASN A 30 15.01 -24.08 11.61
N SER A 31 13.69 -24.26 11.64
CA SER A 31 12.82 -23.80 10.57
C SER A 31 11.89 -22.69 11.06
N TYR A 32 11.14 -22.10 10.11
CA TYR A 32 10.27 -20.98 10.39
C TYR A 32 9.11 -21.46 11.23
N GLY A 33 8.43 -22.52 10.78
CA GLY A 33 7.15 -22.93 11.37
C GLY A 33 7.19 -24.30 12.04
N GLY A 34 8.23 -25.09 11.77
CA GLY A 34 8.36 -26.41 12.34
C GLY A 34 8.07 -27.50 11.32
N ASN A 35 7.86 -28.71 11.83
CA ASN A 35 7.68 -29.86 10.95
C ASN A 35 6.74 -30.84 11.60
N GLY A 36 5.69 -31.24 10.88
CA GLY A 36 4.85 -32.35 11.31
C GLY A 36 3.35 -32.02 11.20
N ASP A 37 2.57 -32.68 12.04
CA ASP A 37 1.12 -32.53 12.02
C ASP A 37 0.74 -31.30 12.83
N MET A 38 -0.15 -30.48 12.26
CA MET A 38 -0.59 -29.26 12.91
C MET A 38 -2.11 -29.15 12.86
N THR A 39 -2.79 -30.29 12.73
CA THR A 39 -4.25 -30.32 12.63
C THR A 39 -4.88 -29.75 13.90
N TYR A 40 -5.86 -28.86 13.72
CA TYR A 40 -6.58 -28.28 14.84
C TYR A 40 -8.05 -28.17 14.48
N ALA A 41 -8.84 -27.82 15.48
CA ALA A 41 -10.27 -27.59 15.29
C ALA A 41 -10.68 -26.45 16.20
N ARG A 42 -11.75 -25.76 15.81
CA ARG A 42 -12.24 -24.59 16.52
C ARG A 42 -13.75 -24.68 16.66
N LEU A 43 -14.26 -24.23 17.81
CA LEU A 43 -15.69 -24.18 18.08
C LEU A 43 -15.98 -22.92 18.87
N GLY A 44 -17.14 -22.30 18.60
CA GLY A 44 -17.57 -21.15 19.38
C GLY A 44 -19.02 -20.79 19.11
N PHE A 45 -19.52 -19.80 19.87
CA PHE A 45 -20.83 -19.22 19.60
C PHE A 45 -20.72 -17.71 19.54
N LYS A 46 -21.74 -17.09 18.93
CA LYS A 46 -21.86 -15.65 18.84
C LYS A 46 -23.33 -15.31 18.90
N GLY A 47 -23.74 -14.73 20.03
CA GLY A 47 -25.13 -14.38 20.29
C GLY A 47 -25.34 -12.88 20.39
N GLU A 48 -26.44 -12.39 19.80
CA GLU A 48 -26.83 -10.99 19.85
C GLU A 48 -28.31 -10.96 20.22
N THR A 49 -28.66 -10.18 21.25
CA THR A 49 -30.04 -10.07 21.71
C THR A 49 -30.51 -8.62 21.59
N GLN A 50 -31.73 -8.45 21.10
CA GLN A 50 -32.35 -7.13 20.94
C GLN A 50 -33.07 -6.73 22.23
N ILE A 51 -32.45 -5.84 23.00
CA ILE A 51 -33.01 -5.45 24.29
C ILE A 51 -34.13 -4.43 24.06
N ASN A 52 -33.83 -3.38 23.27
CA ASN A 52 -34.84 -2.48 22.74
C ASN A 52 -34.43 -2.07 21.33
N SER A 53 -35.15 -1.12 20.73
CA SER A 53 -34.92 -0.71 19.35
C SER A 53 -33.51 -0.12 19.15
N ASP A 54 -32.91 0.43 20.21
CA ASP A 54 -31.60 1.08 20.13
C ASP A 54 -30.49 0.29 20.80
N LEU A 55 -30.85 -0.62 21.74
CA LEU A 55 -29.87 -1.29 22.57
C LEU A 55 -29.82 -2.77 22.22
N THR A 56 -28.60 -3.29 22.06
CA THR A 56 -28.41 -4.71 21.80
C THR A 56 -27.23 -5.21 22.64
N GLY A 57 -27.37 -6.44 23.13
CA GLY A 57 -26.32 -7.10 23.90
C GLY A 57 -25.75 -8.29 23.12
N TYR A 58 -24.48 -8.59 23.35
CA TYR A 58 -23.83 -9.64 22.60
C TYR A 58 -22.81 -10.36 23.49
N GLY A 59 -22.34 -11.49 22.95
CA GLY A 59 -21.35 -12.31 23.61
C GLY A 59 -20.70 -13.22 22.59
N HIS A 60 -19.37 -13.38 22.69
CA HIS A 60 -18.63 -14.26 21.81
C HIS A 60 -17.79 -15.21 22.67
N TRP A 61 -17.75 -16.48 22.25
CA TRP A 61 -16.81 -17.44 22.79
C TRP A 61 -16.19 -18.21 21.64
N HIS A 62 -14.87 -18.46 21.69
CA HIS A 62 -14.18 -19.14 20.61
C HIS A 62 -13.01 -19.94 21.19
N TYR A 63 -12.99 -21.25 20.89
CA TYR A 63 -12.04 -22.15 21.53
C TYR A 63 -11.29 -22.93 20.48
N ASN A 64 -10.03 -23.23 20.77
CA ASN A 64 -9.13 -23.95 19.88
C ASN A 64 -8.80 -25.30 20.49
N PHE A 65 -9.09 -26.37 19.74
CA PHE A 65 -8.74 -27.72 20.13
C PHE A 65 -7.69 -28.26 19.18
N GLN A 66 -6.53 -28.61 19.73
CA GLN A 66 -5.47 -29.19 18.92
C GLN A 66 -5.74 -30.68 18.68
N GLY A 67 -5.69 -31.05 17.40
CA GLY A 67 -5.84 -32.44 16.98
C GLY A 67 -4.49 -33.11 16.68
N ASN A 68 -3.40 -32.36 16.87
CA ASN A 68 -2.08 -32.87 16.59
C ASN A 68 -1.46 -33.42 17.87
N ASN A 69 -2.23 -33.49 18.96
CA ASN A 69 -1.75 -34.09 20.19
C ASN A 69 -2.20 -35.54 20.26
N SER A 70 -1.71 -36.23 21.30
CA SER A 70 -2.03 -37.63 21.49
C SER A 70 -3.18 -37.72 22.49
N GLU A 71 -3.35 -38.92 23.07
CA GLU A 71 -4.33 -39.17 24.11
C GLU A 71 -3.63 -39.37 25.44
N GLY A 72 -2.31 -39.13 25.52
CA GLY A 72 -1.56 -39.28 26.77
C GLY A 72 -1.51 -37.97 27.56
N ALA A 73 -0.31 -37.58 28.04
CA ALA A 73 -0.17 -36.41 28.90
C ALA A 73 -0.18 -35.11 28.10
N ASP A 74 0.23 -35.17 26.83
CA ASP A 74 0.30 -33.99 25.97
C ASP A 74 -1.06 -33.66 25.33
N ALA A 75 -2.17 -34.15 25.89
CA ALA A 75 -3.46 -34.14 25.20
C ALA A 75 -4.06 -32.74 25.03
N GLN A 76 -3.65 -31.79 25.89
CA GLN A 76 -4.22 -30.45 25.91
C GLN A 76 -3.27 -29.41 25.30
N THR A 77 -2.04 -29.79 24.96
CA THR A 77 -1.04 -28.84 24.48
C THR A 77 -1.60 -28.05 23.30
N GLY A 78 -1.81 -26.74 23.50
CA GLY A 78 -2.27 -25.86 22.44
C GLY A 78 -3.75 -25.52 22.60
N ASN A 79 -4.49 -26.27 23.41
CA ASN A 79 -5.89 -25.96 23.67
C ASN A 79 -5.93 -24.64 24.44
N LYS A 80 -6.85 -23.76 24.09
CA LYS A 80 -6.91 -22.44 24.70
C LYS A 80 -8.22 -21.78 24.30
N THR A 81 -8.60 -20.77 25.09
CA THR A 81 -9.67 -19.88 24.68
C THR A 81 -9.05 -18.75 23.87
N ARG A 82 -9.50 -18.59 22.63
CA ARG A 82 -9.05 -17.48 21.80
C ARG A 82 -9.72 -16.19 22.28
N GLU A 83 -11.06 -16.21 22.35
CA GLU A 83 -11.85 -15.06 22.70
C GLU A 83 -12.99 -15.49 23.63
N ALA A 84 -13.37 -14.61 24.57
CA ALA A 84 -14.47 -14.84 25.48
C ALA A 84 -14.90 -13.54 26.16
N PHE A 85 -15.99 -12.94 25.67
CA PHE A 85 -16.36 -11.60 26.11
C PHE A 85 -17.85 -11.39 25.88
N ALA A 86 -18.34 -10.32 26.52
CA ALA A 86 -19.71 -9.87 26.33
C ALA A 86 -19.67 -8.35 26.30
N GLY A 87 -20.76 -7.74 25.82
CA GLY A 87 -20.88 -6.29 25.85
C GLY A 87 -22.23 -5.79 25.34
N LEU A 88 -22.36 -4.45 25.30
CA LEU A 88 -23.57 -3.76 24.89
C LEU A 88 -23.26 -2.79 23.77
N LYS A 89 -24.19 -2.67 22.81
CA LYS A 89 -24.07 -1.73 21.69
C LYS A 89 -25.35 -0.92 21.63
N TYR A 90 -25.21 0.42 21.59
CA TYR A 90 -26.34 1.34 21.60
C TYR A 90 -26.32 2.21 20.33
N ALA A 91 -27.41 2.17 19.55
CA ALA A 91 -27.72 3.07 18.45
C ALA A 91 -26.49 3.60 17.72
N ASP A 92 -26.27 4.93 17.80
CA ASP A 92 -25.13 5.60 17.19
C ASP A 92 -24.20 6.12 18.28
N VAL A 93 -24.19 5.46 19.44
CA VAL A 93 -23.37 5.88 20.57
C VAL A 93 -22.05 5.10 20.57
N GLY A 94 -22.14 3.81 20.23
CA GLY A 94 -20.97 2.95 20.24
C GLY A 94 -21.25 1.64 20.97
N SER A 95 -20.18 0.84 21.13
CA SER A 95 -20.26 -0.43 21.83
C SER A 95 -19.18 -0.50 22.89
N PHE A 96 -19.47 -1.27 23.94
CA PHE A 96 -18.53 -1.52 25.03
C PHE A 96 -18.55 -3.02 25.29
N ASP A 97 -17.37 -3.61 25.49
CA ASP A 97 -17.30 -5.00 25.87
C ASP A 97 -16.05 -5.25 26.69
N TYR A 98 -16.14 -6.25 27.56
CA TYR A 98 -15.00 -6.65 28.37
C TYR A 98 -14.80 -8.15 28.25
N GLY A 99 -13.54 -8.58 28.35
CA GLY A 99 -13.22 -9.99 28.36
C GLY A 99 -11.87 -10.25 27.71
N ARG A 100 -11.67 -11.48 27.25
CA ARG A 100 -10.50 -11.82 26.44
C ARG A 100 -10.83 -11.52 24.98
N ASN A 101 -10.11 -10.56 24.40
CA ASN A 101 -10.45 -10.04 23.09
C ASN A 101 -9.17 -9.57 22.38
N HIS A 102 -9.34 -9.01 21.16
CA HIS A 102 -8.22 -8.51 20.41
C HIS A 102 -7.75 -7.20 21.02
N GLY A 103 -6.43 -7.03 21.15
CA GLY A 103 -5.84 -5.76 21.50
C GLY A 103 -6.17 -4.72 20.43
N VAL A 104 -6.24 -3.46 20.85
CA VAL A 104 -6.69 -2.41 19.96
C VAL A 104 -5.67 -2.17 18.84
N VAL A 105 -4.40 -2.52 19.07
CA VAL A 105 -3.36 -2.31 18.07
C VAL A 105 -3.53 -3.35 16.95
N TYR A 106 -4.26 -4.43 17.23
CA TYR A 106 -4.62 -5.38 16.18
C TYR A 106 -5.65 -4.80 15.20
N ASP A 107 -6.27 -3.65 15.52
CA ASP A 107 -7.13 -2.97 14.58
C ASP A 107 -6.33 -2.59 13.35
N ALA A 108 -5.01 -2.46 13.51
CA ALA A 108 -4.12 -2.08 12.43
C ALA A 108 -3.38 -3.29 11.86
N LEU A 109 -2.87 -4.18 12.74
CA LEU A 109 -2.05 -5.31 12.33
C LEU A 109 -2.88 -6.39 11.63
N GLY A 110 -4.21 -6.33 11.79
CA GLY A 110 -5.11 -7.24 11.09
C GLY A 110 -5.17 -7.02 9.58
N TYR A 111 -4.66 -5.88 9.09
CA TYR A 111 -4.67 -5.59 7.67
C TYR A 111 -3.84 -6.60 6.87
N THR A 112 -2.67 -7.01 7.41
CA THR A 112 -1.77 -7.90 6.71
C THR A 112 -1.86 -9.35 7.21
N ASP A 113 -2.92 -9.66 7.97
CA ASP A 113 -3.10 -10.98 8.50
C ASP A 113 -4.07 -11.78 7.62
N MET A 114 -3.63 -12.09 6.41
CA MET A 114 -4.50 -12.65 5.38
C MET A 114 -3.85 -13.82 4.65
N LEU A 115 -2.69 -14.30 5.15
CA LEU A 115 -1.99 -15.38 4.48
C LEU A 115 -2.76 -16.67 4.73
N PRO A 116 -2.69 -17.66 3.82
CA PRO A 116 -3.40 -18.90 4.01
C PRO A 116 -3.13 -19.56 5.35
N GLU A 117 -1.90 -19.47 5.86
CA GLU A 117 -1.56 -20.10 7.13
C GLU A 117 -0.76 -19.18 8.02
N PHE A 118 0.26 -18.51 7.46
CA PHE A 118 1.22 -17.74 8.23
C PHE A 118 0.90 -16.25 8.20
N GLY A 119 1.93 -15.39 8.29
CA GLY A 119 1.76 -13.95 8.33
C GLY A 119 1.31 -13.47 9.70
N GLY A 120 1.10 -12.17 9.83
CA GLY A 120 0.71 -11.57 11.10
C GLY A 120 1.64 -11.96 12.25
N ASP A 121 2.95 -11.98 12.01
CA ASP A 121 3.94 -12.45 12.98
C ASP A 121 4.05 -11.51 14.19
N THR A 122 3.73 -10.22 14.02
CA THR A 122 3.89 -9.24 15.10
C THR A 122 2.69 -9.23 16.05
N ALA A 123 1.64 -10.01 15.74
CA ALA A 123 0.40 -9.97 16.52
C ALA A 123 0.40 -11.09 17.55
N TYR A 124 1.39 -11.06 18.44
CA TYR A 124 1.57 -12.08 19.45
C TYR A 124 0.36 -12.10 20.39
N SER A 125 0.04 -13.28 20.92
CA SER A 125 -0.97 -13.43 21.96
C SER A 125 -0.41 -13.11 23.34
N ASP A 126 -1.25 -12.53 24.21
CA ASP A 126 -0.85 -12.24 25.58
C ASP A 126 0.34 -11.29 25.57
N ASP A 127 0.24 -10.28 24.70
CA ASP A 127 1.32 -9.33 24.48
C ASP A 127 0.73 -7.93 24.36
N PHE A 128 0.02 -7.51 25.42
CA PHE A 128 -0.50 -6.16 25.51
C PHE A 128 -1.57 -5.93 24.45
N PHE A 129 -1.22 -5.37 23.29
CA PHE A 129 -2.22 -4.77 22.42
C PHE A 129 -2.20 -5.32 21.01
N VAL A 130 -1.25 -6.20 20.69
CA VAL A 130 -1.09 -6.62 19.32
C VAL A 130 -1.90 -7.88 18.98
N GLY A 131 -2.32 -8.66 19.97
CA GLY A 131 -3.07 -9.87 19.66
C GLY A 131 -4.21 -10.13 20.64
N HIS A 132 -4.59 -11.40 20.76
CA HIS A 132 -5.57 -11.82 21.75
C HIS A 132 -4.97 -11.65 23.15
N VAL A 133 -5.64 -10.84 23.98
CA VAL A 133 -5.19 -10.58 25.33
C VAL A 133 -6.37 -10.67 26.28
N GLY A 134 -6.09 -11.05 27.54
CA GLY A 134 -7.14 -11.22 28.53
C GLY A 134 -7.38 -9.95 29.33
N GLY A 135 -8.64 -9.67 29.67
CA GLY A 135 -8.98 -8.55 30.52
C GLY A 135 -8.86 -7.20 29.80
N VAL A 136 -9.60 -7.03 28.70
CA VAL A 136 -9.62 -5.79 27.97
C VAL A 136 -11.04 -5.25 27.93
N ALA A 137 -11.21 -4.00 28.38
CA ALA A 137 -12.46 -3.27 28.24
C ALA A 137 -12.31 -2.33 27.05
N THR A 138 -13.17 -2.54 26.04
CA THR A 138 -12.99 -1.87 24.75
C THR A 138 -14.27 -1.12 24.41
N TYR A 139 -14.12 0.20 24.19
CA TYR A 139 -15.15 1.04 23.59
C TYR A 139 -14.85 1.18 22.11
N ARG A 140 -15.87 1.02 21.28
CA ARG A 140 -15.73 1.13 19.84
C ARG A 140 -16.84 2.01 19.31
N ASN A 141 -16.52 2.83 18.29
CA ASN A 141 -17.47 3.72 17.67
C ASN A 141 -17.32 3.63 16.15
N SER A 142 -18.40 3.23 15.49
CA SER A 142 -18.42 3.12 14.04
C SER A 142 -19.13 4.32 13.43
N ASN A 143 -18.61 4.77 12.29
CA ASN A 143 -19.20 5.87 11.53
C ASN A 143 -19.28 7.14 12.37
N PHE A 144 -18.29 7.34 13.26
CA PHE A 144 -18.17 8.50 14.15
C PHE A 144 -19.54 9.00 14.59
N PHE A 145 -20.17 8.25 15.50
CA PHE A 145 -21.47 8.60 16.06
C PHE A 145 -22.55 8.70 14.98
N GLY A 146 -22.37 7.97 13.88
CA GLY A 146 -23.33 7.98 12.78
C GLY A 146 -23.33 9.29 11.97
N LEU A 147 -22.26 10.09 12.05
CA LEU A 147 -22.18 11.38 11.37
C LEU A 147 -21.26 11.28 10.15
N VAL A 148 -20.14 10.58 10.28
CA VAL A 148 -19.15 10.46 9.22
C VAL A 148 -18.97 9.00 8.86
N ASP A 149 -19.43 8.58 7.68
CA ASP A 149 -19.34 7.17 7.33
C ASP A 149 -17.89 6.80 7.03
N GLY A 150 -17.51 5.58 7.43
CA GLY A 150 -16.18 5.04 7.22
C GLY A 150 -15.21 5.40 8.34
N LEU A 151 -15.57 6.37 9.20
CA LEU A 151 -14.64 6.87 10.22
C LEU A 151 -14.96 6.20 11.56
N ASN A 152 -14.15 5.18 11.91
CA ASN A 152 -14.34 4.43 13.13
C ASN A 152 -13.15 4.68 14.05
N PHE A 153 -13.36 4.46 15.34
CA PHE A 153 -12.29 4.57 16.30
C PHE A 153 -12.64 3.69 17.49
N ALA A 154 -11.65 3.52 18.37
CA ALA A 154 -11.82 2.68 19.55
C ALA A 154 -10.80 3.09 20.61
N VAL A 155 -11.24 3.03 21.87
CA VAL A 155 -10.36 3.22 23.01
C VAL A 155 -10.45 1.96 23.87
N GLN A 156 -9.33 1.59 24.49
CA GLN A 156 -9.25 0.33 25.20
C GLN A 156 -8.47 0.53 26.48
N TYR A 157 -8.99 -0.06 27.56
CA TYR A 157 -8.29 -0.15 28.83
C TYR A 157 -7.83 -1.60 29.02
N LEU A 158 -6.52 -1.80 29.17
CA LEU A 158 -5.99 -3.12 29.44
C LEU A 158 -5.82 -3.29 30.95
N GLY A 159 -6.47 -4.32 31.51
CA GLY A 159 -6.31 -4.65 32.92
C GLY A 159 -4.98 -5.36 33.18
N LYS A 160 -4.52 -5.26 34.44
CA LYS A 160 -3.29 -5.90 34.85
C LYS A 160 -3.52 -7.42 34.93
N ASN A 161 -2.61 -8.17 34.29
CA ASN A 161 -2.62 -9.62 34.35
C ASN A 161 -1.26 -10.09 34.86
N GLU A 162 -1.16 -10.28 36.18
CA GLU A 162 0.08 -10.76 36.76
C GLU A 162 0.08 -12.29 36.78
N ARG A 163 0.77 -12.91 35.82
CA ARG A 163 0.80 -14.37 35.70
C ARG A 163 2.14 -14.94 36.15
N ASP A 164 2.27 -16.27 36.06
CA ASP A 164 3.46 -16.97 36.53
C ASP A 164 4.69 -16.58 35.70
N THR A 165 4.48 -16.35 34.40
CA THR A 165 5.57 -16.08 33.48
C THR A 165 5.57 -14.60 33.09
N ALA A 166 6.77 -14.08 32.78
CA ALA A 166 6.93 -12.72 32.31
C ALA A 166 6.41 -12.59 30.88
N ARG A 167 6.44 -13.68 30.10
CA ARG A 167 6.04 -13.63 28.70
C ARG A 167 4.54 -13.28 28.57
N ARG A 168 3.70 -13.83 29.46
CA ARG A 168 2.26 -13.74 29.32
C ARG A 168 1.63 -12.71 30.27
N SER A 169 2.47 -11.90 30.95
CA SER A 169 1.96 -10.94 31.93
C SER A 169 1.89 -9.53 31.33
N ASN A 170 1.19 -8.65 32.05
CA ASN A 170 1.09 -7.24 31.70
C ASN A 170 0.55 -6.45 32.89
N GLY A 171 0.79 -5.12 32.88
CA GLY A 171 0.20 -4.20 33.84
C GLY A 171 -0.92 -3.37 33.20
N ASP A 172 -1.39 -2.36 33.94
CA ASP A 172 -2.46 -1.51 33.44
C ASP A 172 -1.98 -0.78 32.19
N GLY A 173 -2.92 -0.51 31.29
CA GLY A 173 -2.58 0.20 30.07
C GLY A 173 -3.81 0.84 29.43
N VAL A 174 -3.54 1.78 28.51
CA VAL A 174 -4.56 2.39 27.68
C VAL A 174 -4.10 2.36 26.23
N GLY A 175 -5.07 2.36 25.32
CA GLY A 175 -4.74 2.35 23.91
C GLY A 175 -5.92 2.85 23.10
N GLY A 176 -5.67 3.09 21.81
CA GLY A 176 -6.72 3.55 20.91
C GLY A 176 -6.33 3.37 19.45
N SER A 177 -7.32 3.53 18.57
CA SER A 177 -7.11 3.36 17.15
C SER A 177 -8.13 4.20 16.40
N ILE A 178 -7.73 4.68 15.22
CA ILE A 178 -8.61 5.42 14.34
C ILE A 178 -8.46 4.82 12.96
N SER A 179 -9.57 4.73 12.22
CA SER A 179 -9.51 4.20 10.87
C SER A 179 -10.51 4.93 9.99
N TYR A 180 -10.17 5.01 8.70
CA TYR A 180 -11.05 5.58 7.68
C TYR A 180 -11.12 4.62 6.50
N GLU A 181 -12.30 4.48 5.90
CA GLU A 181 -12.49 3.65 4.72
C GLU A 181 -13.27 4.39 3.64
N TYR A 182 -12.72 4.42 2.42
CA TYR A 182 -13.31 5.20 1.33
C TYR A 182 -13.01 4.52 -0.01
N GLU A 183 -14.07 4.21 -0.77
CA GLU A 183 -14.02 3.64 -2.11
C GLU A 183 -13.00 2.51 -2.21
N GLY A 184 -12.99 1.59 -1.25
CA GLY A 184 -12.21 0.38 -1.38
C GLY A 184 -10.93 0.44 -0.55
N PHE A 185 -10.49 1.64 -0.18
CA PHE A 185 -9.29 1.79 0.62
C PHE A 185 -9.63 1.84 2.10
N GLY A 186 -8.68 1.43 2.94
CA GLY A 186 -8.76 1.62 4.38
C GLY A 186 -7.39 2.02 4.95
N ILE A 187 -7.38 3.11 5.73
CA ILE A 187 -6.18 3.53 6.44
C ILE A 187 -6.47 3.47 7.93
N VAL A 188 -5.44 3.20 8.73
CA VAL A 188 -5.64 2.95 10.13
C VAL A 188 -4.36 3.29 10.88
N GLY A 189 -4.52 3.71 12.15
CA GLY A 189 -3.41 3.83 13.07
C GLY A 189 -3.85 3.51 14.47
N ALA A 190 -2.96 2.88 15.24
CA ALA A 190 -3.30 2.48 16.59
C ALA A 190 -2.08 2.62 17.48
N TYR A 191 -2.36 2.96 18.75
CA TYR A 191 -1.33 3.17 19.74
C TYR A 191 -1.76 2.54 21.06
N GLY A 192 -0.78 2.11 21.85
CA GLY A 192 -1.03 1.55 23.17
C GLY A 192 0.23 1.53 24.03
N ALA A 193 0.10 2.02 25.26
CA ALA A 193 1.15 1.94 26.26
C ALA A 193 0.59 1.29 27.54
N ALA A 194 1.48 0.61 28.27
CA ALA A 194 1.07 -0.05 29.49
C ALA A 194 2.28 -0.22 30.42
N ASP A 195 2.00 -0.32 31.72
CA ASP A 195 3.01 -0.66 32.72
C ASP A 195 3.45 -2.11 32.54
N ARG A 196 4.75 -2.37 32.78
CA ARG A 196 5.28 -3.72 32.86
C ARG A 196 5.22 -4.21 34.30
N THR A 197 5.15 -5.52 34.47
CA THR A 197 5.17 -6.11 35.79
C THR A 197 6.62 -6.18 36.26
N ASN A 198 6.80 -6.31 37.57
CA ASN A 198 8.11 -6.48 38.17
C ASN A 198 8.83 -7.70 37.59
N LEU A 199 8.09 -8.79 37.37
CA LEU A 199 8.66 -10.03 36.87
C LEU A 199 9.18 -9.81 35.45
N GLN A 200 8.49 -8.96 34.67
CA GLN A 200 8.95 -8.62 33.33
C GLN A 200 10.25 -7.81 33.40
N GLU A 201 10.29 -6.84 34.33
CA GLU A 201 11.47 -6.00 34.53
C GLU A 201 12.67 -6.85 34.94
N ALA A 202 12.42 -7.90 35.73
CA ALA A 202 13.50 -8.73 36.25
C ALA A 202 14.11 -9.66 35.19
N GLN A 203 13.61 -9.66 33.95
CA GLN A 203 14.17 -10.53 32.93
C GLN A 203 15.49 -9.97 32.39
N PRO A 204 16.41 -10.82 31.87
CA PRO A 204 17.64 -10.33 31.25
C PRO A 204 17.42 -9.35 30.09
N LEU A 205 16.49 -9.70 29.18
CA LEU A 205 16.26 -8.96 27.96
C LEU A 205 15.12 -7.97 28.15
N GLY A 206 15.36 -6.71 27.81
CA GLY A 206 14.36 -5.65 27.92
C GLY A 206 14.53 -4.83 29.20
N ASN A 207 14.33 -3.51 29.09
CA ASN A 207 14.51 -2.62 30.24
C ASN A 207 13.65 -1.39 30.03
N GLY A 208 12.78 -1.13 31.02
CA GLY A 208 11.88 0.02 30.97
C GLY A 208 10.62 -0.18 31.80
N LYS A 209 10.15 0.90 32.43
CA LYS A 209 8.98 0.85 33.30
C LYS A 209 7.69 0.79 32.48
N LYS A 210 7.76 1.01 31.17
CA LYS A 210 6.56 1.06 30.34
C LYS A 210 6.77 0.32 29.01
N ALA A 211 5.73 -0.37 28.55
CA ALA A 211 5.71 -0.99 27.23
C ALA A 211 4.93 -0.10 26.27
N GLU A 212 5.26 -0.20 24.97
CA GLU A 212 4.67 0.69 23.98
C GLU A 212 4.54 -0.06 22.67
N GLN A 213 3.37 0.07 22.03
CA GLN A 213 3.08 -0.58 20.76
C GLN A 213 2.20 0.33 19.93
N TRP A 214 2.65 0.64 18.71
CA TRP A 214 1.86 1.38 17.75
C TRP A 214 2.12 0.84 16.34
N ALA A 215 1.19 1.15 15.44
CA ALA A 215 1.29 0.70 14.07
C ALA A 215 0.29 1.45 13.21
N THR A 216 0.67 1.63 11.93
CA THR A 216 -0.20 2.20 10.92
C THR A 216 -0.43 1.12 9.87
N GLY A 217 -1.39 1.37 8.98
CA GLY A 217 -1.66 0.42 7.93
C GLY A 217 -2.55 0.97 6.82
N LEU A 218 -2.33 0.46 5.60
CA LEU A 218 -3.15 0.80 4.45
C LEU A 218 -3.57 -0.51 3.81
N LYS A 219 -4.80 -0.54 3.32
CA LYS A 219 -5.28 -1.70 2.60
C LYS A 219 -6.15 -1.28 1.43
N TYR A 220 -6.19 -2.12 0.40
CA TYR A 220 -7.10 -1.98 -0.72
C TYR A 220 -7.80 -3.33 -0.89
N ASP A 221 -9.11 -3.34 -0.65
CA ASP A 221 -9.91 -4.55 -0.64
C ASP A 221 -11.13 -4.35 -1.54
N ALA A 222 -10.89 -4.51 -2.84
CA ALA A 222 -11.95 -4.42 -3.85
C ALA A 222 -11.42 -4.91 -5.19
N ASN A 223 -12.37 -5.14 -6.10
CA ASN A 223 -12.10 -5.60 -7.45
C ASN A 223 -11.27 -6.87 -7.42
N ASN A 224 -11.54 -7.74 -6.43
CA ASN A 224 -10.90 -9.04 -6.30
C ASN A 224 -9.43 -8.90 -5.90
N ILE A 225 -8.97 -7.69 -5.60
CA ILE A 225 -7.60 -7.50 -5.17
C ILE A 225 -7.59 -7.29 -3.65
N TYR A 226 -6.55 -7.84 -3.01
CA TYR A 226 -6.25 -7.46 -1.64
C TYR A 226 -4.79 -7.04 -1.57
N LEU A 227 -4.56 -5.75 -1.24
CA LEU A 227 -3.23 -5.21 -1.08
C LEU A 227 -3.18 -4.52 0.27
N ALA A 228 -2.17 -4.84 1.09
CA ALA A 228 -2.06 -4.21 2.39
C ALA A 228 -0.60 -4.04 2.79
N ALA A 229 -0.38 -3.06 3.67
CA ALA A 229 0.94 -2.75 4.20
C ALA A 229 0.80 -2.29 5.64
N ASN A 230 1.69 -2.80 6.50
CA ASN A 230 1.72 -2.44 7.90
C ASN A 230 3.13 -1.99 8.28
N TYR A 231 3.18 -0.95 9.12
CA TYR A 231 4.41 -0.56 9.77
C TYR A 231 4.11 -0.36 11.24
N GLY A 232 4.96 -0.94 12.10
CA GLY A 232 4.78 -0.83 13.53
C GLY A 232 6.12 -0.71 14.25
N GLU A 233 6.04 -0.13 15.45
CA GLU A 233 7.20 0.01 16.32
C GLU A 233 6.80 -0.34 17.74
N THR A 234 7.66 -1.09 18.44
CA THR A 234 7.39 -1.48 19.81
C THR A 234 8.56 -1.05 20.70
N ARG A 235 8.24 -0.82 21.98
CA ARG A 235 9.24 -0.63 23.01
C ARG A 235 8.97 -1.61 24.15
N ASN A 236 9.96 -2.44 24.46
CA ASN A 236 9.93 -3.33 25.62
C ASN A 236 8.71 -4.27 25.58
N ALA A 237 8.19 -4.55 24.37
CA ALA A 237 6.94 -5.27 24.27
C ALA A 237 7.05 -6.56 23.45
N THR A 238 7.94 -6.60 22.45
CA THR A 238 7.99 -7.79 21.59
C THR A 238 8.73 -8.90 22.32
N PRO A 239 8.12 -10.08 22.56
CA PRO A 239 8.79 -11.15 23.28
C PRO A 239 9.87 -11.81 22.45
N ILE A 240 11.07 -11.94 23.02
CA ILE A 240 12.20 -12.50 22.32
C ILE A 240 12.77 -13.63 23.16
N THR A 241 13.57 -14.46 22.48
CA THR A 241 14.24 -15.56 23.15
C THR A 241 15.61 -15.76 22.51
N ASN A 242 16.63 -15.91 23.37
CA ASN A 242 17.97 -16.26 22.96
C ASN A 242 18.17 -17.76 23.11
N LYS A 243 18.06 -18.50 22.00
CA LYS A 243 18.13 -19.97 22.02
C LYS A 243 19.57 -20.44 22.27
N PHE A 244 20.56 -19.52 22.37
CA PHE A 244 21.94 -19.91 22.65
C PHE A 244 22.19 -19.96 24.15
N THR A 245 22.03 -18.83 24.83
CA THR A 245 22.23 -18.76 26.27
C THR A 245 20.94 -19.15 27.00
N ASN A 246 19.90 -19.53 26.25
CA ASN A 246 18.65 -20.04 26.80
C ASN A 246 18.08 -19.06 27.81
N THR A 247 17.98 -17.79 27.41
CA THR A 247 17.30 -16.76 28.18
C THR A 247 16.13 -16.22 27.35
N SER A 248 15.24 -15.50 28.02
CA SER A 248 14.10 -14.89 27.36
C SER A 248 13.86 -13.50 27.96
N GLY A 249 13.03 -12.71 27.27
CA GLY A 249 12.62 -11.41 27.79
C GLY A 249 11.81 -10.65 26.74
N PHE A 250 12.13 -9.35 26.57
CA PHE A 250 11.45 -8.51 25.61
C PHE A 250 12.47 -7.64 24.89
N ALA A 251 12.16 -7.30 23.63
CA ALA A 251 13.03 -6.46 22.83
C ALA A 251 12.81 -4.99 23.19
N ASN A 252 13.92 -4.28 23.46
CA ASN A 252 13.85 -2.89 23.85
C ASN A 252 13.20 -2.05 22.75
N LYS A 253 13.29 -2.52 21.50
CA LYS A 253 12.78 -1.78 20.37
C LYS A 253 12.66 -2.71 19.16
N THR A 254 11.54 -2.65 18.42
CA THR A 254 11.39 -3.40 17.18
C THR A 254 10.81 -2.51 16.09
N GLN A 255 11.27 -2.73 14.86
CA GLN A 255 10.67 -2.13 13.69
C GLN A 255 10.04 -3.23 12.86
N ASP A 256 8.73 -3.08 12.61
CA ASP A 256 7.96 -4.14 11.99
C ASP A 256 7.46 -3.65 10.64
N VAL A 257 7.62 -4.48 9.61
CA VAL A 257 7.11 -4.21 8.28
C VAL A 257 6.44 -5.44 7.70
N LEU A 258 5.16 -5.32 7.33
CA LEU A 258 4.42 -6.42 6.71
C LEU A 258 3.72 -5.93 5.44
N LEU A 259 3.96 -6.63 4.32
CA LEU A 259 3.29 -6.33 3.06
C LEU A 259 2.60 -7.60 2.58
N VAL A 260 1.58 -7.42 1.75
CA VAL A 260 0.81 -8.56 1.25
C VAL A 260 0.02 -8.16 0.01
N ALA A 261 -0.02 -9.10 -0.94
CA ALA A 261 -0.78 -8.91 -2.15
C ALA A 261 -1.47 -10.21 -2.53
N GLN A 262 -2.78 -10.15 -2.74
CA GLN A 262 -3.58 -11.30 -3.14
C GLN A 262 -4.55 -10.91 -4.25
N TYR A 263 -4.87 -11.89 -5.09
CA TYR A 263 -5.88 -11.75 -6.12
C TYR A 263 -6.82 -12.93 -6.01
N GLN A 264 -8.13 -12.66 -6.08
CA GLN A 264 -9.15 -13.68 -5.97
C GLN A 264 -9.72 -13.95 -7.36
N PHE A 265 -9.38 -15.10 -7.92
CA PHE A 265 -9.94 -15.54 -9.19
C PHE A 265 -11.38 -16.01 -8.96
N ASP A 266 -12.22 -15.79 -9.98
CA ASP A 266 -13.63 -16.17 -9.96
C ASP A 266 -13.81 -17.65 -9.61
N PHE A 267 -12.95 -18.52 -10.16
CA PHE A 267 -13.10 -19.97 -10.00
C PHE A 267 -12.48 -20.47 -8.68
N GLY A 268 -12.11 -19.56 -7.76
CA GLY A 268 -11.85 -19.97 -6.38
C GLY A 268 -10.38 -19.87 -5.96
N LEU A 269 -9.46 -19.80 -6.91
CA LEU A 269 -8.04 -19.80 -6.55
C LEU A 269 -7.61 -18.40 -6.15
N ARG A 270 -6.99 -18.29 -4.99
CA ARG A 270 -6.56 -16.99 -4.46
C ARG A 270 -5.06 -17.03 -4.14
N PRO A 271 -4.19 -16.75 -5.13
CA PRO A 271 -2.76 -16.68 -4.87
C PRO A 271 -2.39 -15.47 -4.04
N SER A 272 -1.26 -15.56 -3.34
CA SER A 272 -0.82 -14.47 -2.47
C SER A 272 0.70 -14.39 -2.48
N ILE A 273 1.20 -13.15 -2.35
CA ILE A 273 2.59 -12.91 -2.06
C ILE A 273 2.67 -11.95 -0.88
N ALA A 274 3.76 -12.04 -0.11
CA ALA A 274 3.87 -11.23 1.09
C ALA A 274 5.32 -11.07 1.49
N TYR A 275 5.60 -9.96 2.17
CA TYR A 275 6.89 -9.72 2.79
C TYR A 275 6.66 -9.43 4.27
N THR A 276 7.60 -9.86 5.10
CA THR A 276 7.54 -9.58 6.53
C THR A 276 8.95 -9.46 7.08
N LYS A 277 9.20 -8.36 7.80
CA LYS A 277 10.51 -8.12 8.38
C LYS A 277 10.33 -7.42 9.73
N SER A 278 10.85 -8.07 10.78
CA SER A 278 10.84 -7.54 12.14
C SER A 278 12.27 -7.50 12.68
N LYS A 279 12.77 -6.28 12.98
CA LYS A 279 14.13 -6.10 13.45
C LYS A 279 14.09 -5.61 14.89
N ALA A 280 14.73 -6.36 15.78
CA ALA A 280 14.88 -5.92 17.16
C ALA A 280 16.19 -5.15 17.32
N LYS A 281 16.18 -4.19 18.23
CA LYS A 281 17.31 -3.31 18.46
C LYS A 281 17.57 -3.16 19.96
N ASP A 282 18.82 -2.84 20.30
CA ASP A 282 19.25 -2.57 21.67
C ASP A 282 19.05 -3.82 22.55
N VAL A 283 19.17 -5.00 21.93
CA VAL A 283 19.03 -6.25 22.65
C VAL A 283 20.27 -6.47 23.50
N GLU A 284 20.05 -6.80 24.78
CA GLU A 284 21.13 -6.98 25.75
C GLU A 284 22.09 -8.05 25.28
N GLY A 285 23.38 -7.72 25.21
CA GLY A 285 24.40 -8.70 24.87
C GLY A 285 24.50 -8.97 23.37
N ILE A 286 23.43 -8.67 22.62
CA ILE A 286 23.37 -9.00 21.20
C ILE A 286 23.52 -7.74 20.37
N GLY A 287 22.77 -6.69 20.72
CA GLY A 287 22.71 -5.48 19.92
C GLY A 287 21.51 -5.51 18.97
N ASP A 288 21.78 -5.55 17.66
CA ASP A 288 20.73 -5.60 16.64
C ASP A 288 20.61 -7.03 16.14
N VAL A 289 19.36 -7.44 15.90
CA VAL A 289 19.09 -8.79 15.44
C VAL A 289 17.70 -8.85 14.84
N ASP A 290 17.58 -9.54 13.71
CA ASP A 290 16.30 -9.75 13.06
C ASP A 290 15.54 -10.90 13.73
N LEU A 291 14.23 -10.71 13.88
CA LEU A 291 13.34 -11.70 14.47
C LEU A 291 12.56 -12.45 13.39
N VAL A 292 12.04 -11.70 12.41
CA VAL A 292 11.32 -12.27 11.29
C VAL A 292 11.80 -11.58 10.02
N ASN A 293 11.99 -12.36 8.95
CA ASN A 293 12.45 -11.81 7.69
C ASN A 293 12.21 -12.85 6.60
N TYR A 294 11.09 -12.78 5.89
CA TYR A 294 10.78 -13.78 4.87
C TYR A 294 9.96 -13.18 3.73
N PHE A 295 9.92 -13.92 2.61
CA PHE A 295 8.95 -13.71 1.56
C PHE A 295 8.00 -14.90 1.56
N GLU A 296 6.74 -14.66 1.25
CA GLU A 296 5.75 -15.73 1.23
C GLU A 296 5.15 -15.82 -0.16
N VAL A 297 4.94 -17.06 -0.59
CA VAL A 297 4.26 -17.37 -1.85
C VAL A 297 3.29 -18.49 -1.58
N GLY A 298 2.00 -18.24 -1.77
CA GLY A 298 1.01 -19.23 -1.45
C GLY A 298 -0.24 -19.09 -2.29
N ALA A 299 -1.19 -20.00 -2.09
CA ALA A 299 -2.49 -19.91 -2.71
C ALA A 299 -3.50 -20.72 -1.92
N THR A 300 -4.74 -20.23 -1.89
CA THR A 300 -5.85 -20.97 -1.33
C THR A 300 -6.83 -21.26 -2.46
N TYR A 301 -7.38 -22.48 -2.48
CA TYR A 301 -8.47 -22.81 -3.37
C TYR A 301 -9.77 -22.86 -2.57
N TYR A 302 -10.68 -21.92 -2.84
CA TYR A 302 -11.98 -21.90 -2.19
C TYR A 302 -13.00 -22.70 -3.02
N PHE A 303 -13.40 -23.86 -2.51
CA PHE A 303 -14.49 -24.61 -3.12
C PHE A 303 -15.80 -23.85 -2.96
N ASN A 304 -16.06 -23.33 -1.75
CA ASN A 304 -17.20 -22.45 -1.47
C ASN A 304 -17.01 -21.86 -0.07
N LYS A 305 -18.12 -21.33 0.50
CA LYS A 305 -18.05 -20.62 1.77
C LYS A 305 -17.70 -21.58 2.91
N ASN A 306 -17.57 -22.89 2.64
CA ASN A 306 -17.40 -23.87 3.71
C ASN A 306 -16.19 -24.78 3.53
N MET A 307 -15.50 -24.72 2.39
CA MET A 307 -14.46 -25.71 2.14
C MET A 307 -13.33 -25.07 1.35
N SER A 308 -12.08 -25.40 1.72
CA SER A 308 -10.93 -24.81 1.07
C SER A 308 -9.68 -25.66 1.30
N THR A 309 -8.80 -25.62 0.30
CA THR A 309 -7.45 -26.16 0.38
C THR A 309 -6.48 -25.00 0.28
N TYR A 310 -5.28 -25.18 0.81
CA TYR A 310 -4.28 -24.15 0.65
C TYR A 310 -2.88 -24.73 0.82
N VAL A 311 -1.93 -24.04 0.19
CA VAL A 311 -0.51 -24.26 0.37
C VAL A 311 0.12 -22.89 0.66
N ASP A 312 1.06 -22.88 1.61
CA ASP A 312 1.73 -21.64 1.99
C ASP A 312 3.22 -21.92 2.09
N TYR A 313 4.00 -21.21 1.28
CA TYR A 313 5.45 -21.36 1.26
C TYR A 313 6.10 -20.11 1.87
N ILE A 314 7.00 -20.34 2.84
CA ILE A 314 7.79 -19.29 3.46
C ILE A 314 9.23 -19.38 2.97
N ILE A 315 9.65 -18.40 2.17
CA ILE A 315 11.04 -18.30 1.76
C ILE A 315 11.74 -17.48 2.84
N ASN A 316 12.40 -18.19 3.76
CA ASN A 316 12.94 -17.59 4.97
C ASN A 316 14.30 -16.95 4.66
N GLN A 317 14.40 -15.65 4.96
CA GLN A 317 15.61 -14.91 4.66
C GLN A 317 16.51 -14.76 5.89
N ILE A 318 16.03 -15.23 7.04
CA ILE A 318 16.82 -15.21 8.26
C ILE A 318 18.11 -15.98 8.02
N ASP A 319 19.24 -15.38 8.40
CA ASP A 319 20.54 -15.98 8.12
C ASP A 319 20.80 -17.09 9.12
N SER A 320 21.63 -18.06 8.74
CA SER A 320 21.93 -19.22 9.57
C SER A 320 22.72 -18.85 10.81
N ASP A 321 23.35 -17.67 10.83
CA ASP A 321 24.15 -17.24 11.97
C ASP A 321 23.42 -16.17 12.79
N ASN A 322 22.07 -16.21 12.79
CA ASN A 322 21.25 -15.29 13.56
C ASN A 322 21.69 -15.34 15.02
N LYS A 323 21.89 -14.15 15.60
CA LYS A 323 22.47 -14.06 16.93
C LYS A 323 21.54 -14.60 18.02
N LEU A 324 20.22 -14.48 17.82
CA LEU A 324 19.24 -14.93 18.81
C LEU A 324 18.88 -16.40 18.61
N GLY A 325 19.42 -17.04 17.55
CA GLY A 325 19.14 -18.44 17.30
C GLY A 325 17.84 -18.65 16.54
N VAL A 326 17.29 -17.57 15.97
CA VAL A 326 16.03 -17.68 15.23
C VAL A 326 16.24 -18.66 14.09
N GLY A 327 15.26 -19.54 13.89
CA GLY A 327 15.31 -20.55 12.84
C GLY A 327 15.39 -19.92 11.44
N SER A 328 16.19 -20.55 10.57
CA SER A 328 16.55 -19.98 9.28
C SER A 328 16.00 -20.79 8.09
N ASP A 329 15.45 -21.99 8.33
CA ASP A 329 14.98 -22.84 7.25
C ASP A 329 13.60 -22.42 6.77
N ASP A 330 13.27 -22.86 5.55
CA ASP A 330 11.95 -22.64 4.97
C ASP A 330 10.95 -23.62 5.58
N THR A 331 9.65 -23.32 5.38
CA THR A 331 8.57 -24.17 5.86
C THR A 331 7.39 -24.08 4.89
N VAL A 332 6.72 -25.21 4.65
CA VAL A 332 5.60 -25.29 3.74
C VAL A 332 4.42 -25.86 4.52
N ALA A 333 3.29 -25.15 4.48
CA ALA A 333 2.06 -25.64 5.09
C ALA A 333 1.07 -26.05 4.01
N VAL A 334 0.48 -27.25 4.18
CA VAL A 334 -0.56 -27.76 3.30
C VAL A 334 -1.79 -28.05 4.15
N GLY A 335 -2.92 -27.42 3.78
CA GLY A 335 -4.10 -27.40 4.63
C GLY A 335 -5.36 -27.77 3.86
N ILE A 336 -6.29 -28.41 4.58
CA ILE A 336 -7.64 -28.66 4.10
C ILE A 336 -8.65 -28.30 5.20
N VAL A 337 -9.61 -27.41 4.87
CA VAL A 337 -10.42 -26.75 5.88
C VAL A 337 -11.91 -26.91 5.59
N TYR A 338 -12.63 -27.52 6.53
CA TYR A 338 -14.07 -27.44 6.59
C TYR A 338 -14.47 -26.48 7.70
N GLN A 339 -15.36 -25.53 7.40
CA GLN A 339 -15.81 -24.55 8.37
C GLN A 339 -17.27 -24.24 8.11
N PHE A 340 -17.98 -23.92 9.19
CA PHE A 340 -19.36 -23.46 9.11
C PHE A 340 -19.54 -22.23 10.02
N ALA B 1 25.04 12.90 -16.77
CA ALA B 1 26.52 12.80 -16.92
C ALA B 1 27.18 14.18 -16.87
N GLU B 2 28.00 14.42 -15.84
CA GLU B 2 28.64 15.72 -15.64
C GLU B 2 29.69 15.97 -16.71
N ILE B 3 29.49 17.03 -17.50
CA ILE B 3 30.39 17.34 -18.60
C ILE B 3 31.13 18.65 -18.34
N TYR B 4 30.77 19.39 -17.30
CA TYR B 4 31.41 20.68 -17.01
C TYR B 4 31.35 20.94 -15.50
N ASN B 5 32.49 21.38 -14.93
CA ASN B 5 32.59 21.61 -13.49
C ASN B 5 33.78 22.53 -13.25
N LYS B 6 33.57 23.83 -13.52
CA LYS B 6 34.61 24.83 -13.36
C LYS B 6 33.94 26.08 -12.79
N ASP B 7 34.58 26.69 -11.77
CA ASP B 7 34.21 27.99 -11.25
C ASP B 7 32.79 27.98 -10.67
N GLY B 8 32.48 26.95 -9.88
CA GLY B 8 31.21 26.89 -9.17
C GLY B 8 29.97 26.74 -10.06
N ASN B 9 30.12 26.26 -11.30
CA ASN B 9 28.98 25.89 -12.11
C ASN B 9 29.24 24.50 -12.67
N LYS B 10 28.28 23.58 -12.45
CA LYS B 10 28.36 22.23 -12.97
C LYS B 10 27.16 21.95 -13.88
N VAL B 11 27.39 21.25 -15.00
CA VAL B 11 26.37 20.96 -15.99
C VAL B 11 26.35 19.46 -16.26
N ASP B 12 25.16 18.87 -16.25
CA ASP B 12 24.98 17.45 -16.57
C ASP B 12 24.24 17.38 -17.89
N LEU B 13 24.82 16.63 -18.83
CA LEU B 13 24.13 16.31 -20.06
C LEU B 13 23.50 14.93 -19.90
N GLY B 14 22.22 14.84 -20.26
CA GLY B 14 21.49 13.60 -20.19
C GLY B 14 20.88 13.24 -21.54
N GLY B 15 20.74 11.94 -21.80
CA GLY B 15 20.10 11.47 -23.01
C GLY B 15 19.83 9.97 -22.95
N LYS B 16 18.77 9.54 -23.64
CA LYS B 16 18.57 8.12 -23.85
C LYS B 16 18.03 7.87 -25.24
N ALA B 17 18.44 6.73 -25.80
CA ALA B 17 17.89 6.19 -27.02
C ALA B 17 17.06 4.96 -26.68
N VAL B 18 15.79 4.96 -27.09
CA VAL B 18 14.85 3.92 -26.67
C VAL B 18 14.30 3.24 -27.90
N GLY B 19 14.84 2.08 -28.23
CA GLY B 19 14.24 1.22 -29.24
C GLY B 19 13.01 0.56 -28.65
N LEU B 20 11.86 0.75 -29.30
CA LEU B 20 10.61 0.37 -28.69
C LEU B 20 9.60 -0.02 -29.75
N HIS B 21 8.97 -1.19 -29.57
CA HIS B 21 7.90 -1.64 -30.46
C HIS B 21 6.70 -2.12 -29.64
N TYR B 22 5.50 -1.72 -30.07
CA TYR B 22 4.25 -2.19 -29.47
C TYR B 22 3.58 -3.21 -30.39
N PHE B 23 3.00 -4.25 -29.78
CA PHE B 23 2.28 -5.29 -30.52
C PHE B 23 0.84 -5.31 -30.06
N SER B 24 -0.09 -5.22 -31.03
CA SER B 24 -1.52 -5.31 -30.75
C SER B 24 -2.24 -5.96 -31.94
N LYS B 25 -3.47 -6.47 -31.70
CA LYS B 25 -4.27 -7.15 -32.71
C LYS B 25 -4.72 -6.14 -33.77
N GLY B 26 -4.74 -6.57 -35.03
CA GLY B 26 -5.17 -5.73 -36.13
C GLY B 26 -4.33 -4.46 -36.23
N ASN B 27 -5.00 -3.35 -36.57
CA ASN B 27 -4.35 -2.05 -36.74
C ASN B 27 -3.84 -1.53 -35.39
N GLY B 28 -4.31 -2.12 -34.28
CA GLY B 28 -4.10 -1.59 -32.93
C GLY B 28 -5.02 -0.40 -32.61
N GLU B 29 -5.97 -0.08 -33.50
CA GLU B 29 -6.83 1.09 -33.32
C GLU B 29 -7.78 0.86 -32.14
N ASN B 30 -8.07 -0.41 -31.79
CA ASN B 30 -8.94 -0.69 -30.64
C ASN B 30 -8.15 -1.36 -29.51
N SER B 31 -6.89 -0.95 -29.34
CA SER B 31 -6.02 -1.51 -28.32
C SER B 31 -5.66 -0.44 -27.29
N TYR B 32 -4.97 -0.87 -26.24
CA TYR B 32 -4.62 -0.01 -25.13
C TYR B 32 -3.58 1.01 -25.59
N GLY B 33 -2.50 0.54 -26.22
CA GLY B 33 -1.36 1.38 -26.52
C GLY B 33 -1.12 1.62 -28.01
N GLY B 34 -1.70 0.76 -28.87
CA GLY B 34 -1.47 0.88 -30.30
C GLY B 34 -0.59 -0.25 -30.82
N ASN B 35 -0.11 -0.07 -32.05
CA ASN B 35 0.63 -1.11 -32.73
C ASN B 35 1.68 -0.48 -33.65
N GLY B 36 2.93 -0.85 -33.44
CA GLY B 36 3.97 -0.46 -34.39
C GLY B 36 5.23 0.03 -33.68
N ASP B 37 5.98 0.86 -34.38
CA ASP B 37 7.24 1.38 -33.89
C ASP B 37 6.97 2.57 -32.98
N MET B 38 7.63 2.57 -31.83
CA MET B 38 7.46 3.64 -30.85
C MET B 38 8.81 4.16 -30.39
N THR B 39 9.85 3.99 -31.21
CA THR B 39 11.20 4.37 -30.84
C THR B 39 11.28 5.89 -30.65
N TYR B 40 11.91 6.30 -29.55
CA TYR B 40 12.08 7.72 -29.26
C TYR B 40 13.46 7.94 -28.67
N ALA B 41 13.81 9.21 -28.53
CA ALA B 41 15.07 9.59 -27.92
C ALA B 41 14.82 10.86 -27.13
N ARG B 42 15.65 11.04 -26.08
CA ARG B 42 15.53 12.20 -25.20
C ARG B 42 16.92 12.80 -25.00
N LEU B 43 16.95 14.12 -24.86
CA LEU B 43 18.18 14.87 -24.60
C LEU B 43 17.83 16.03 -23.66
N GLY B 44 18.74 16.35 -22.74
CA GLY B 44 18.53 17.49 -21.88
C GLY B 44 19.80 17.88 -21.13
N PHE B 45 19.72 19.00 -20.41
CA PHE B 45 20.78 19.39 -19.49
C PHE B 45 20.17 19.73 -18.13
N LYS B 46 21.04 19.69 -17.11
CA LYS B 46 20.67 20.05 -15.76
C LYS B 46 21.89 20.70 -15.12
N GLY B 47 21.79 22.03 -14.92
CA GLY B 47 22.87 22.83 -14.37
C GLY B 47 22.52 23.39 -12.99
N GLU B 48 23.52 23.39 -12.08
CA GLU B 48 23.37 23.95 -10.74
C GLU B 48 24.61 24.81 -10.51
N THR B 49 24.41 26.07 -10.10
CA THR B 49 25.50 27.01 -9.85
C THR B 49 25.45 27.45 -8.39
N GLN B 50 26.62 27.47 -7.73
CA GLN B 50 26.75 27.84 -6.34
C GLN B 50 26.99 29.35 -6.28
N ILE B 51 25.94 30.12 -5.94
CA ILE B 51 26.03 31.56 -5.96
C ILE B 51 26.73 32.03 -4.68
N ASN B 52 26.28 31.51 -3.51
CA ASN B 52 27.01 31.63 -2.25
C ASN B 52 26.83 30.34 -1.47
N SER B 53 27.27 30.34 -0.21
CA SER B 53 27.24 29.15 0.63
C SER B 53 25.82 28.64 0.88
N ASP B 54 24.83 29.53 0.85
CA ASP B 54 23.44 29.19 1.14
C ASP B 54 22.56 29.18 -0.11
N LEU B 55 22.97 29.89 -1.17
CA LEU B 55 22.11 30.11 -2.32
C LEU B 55 22.68 29.37 -3.52
N THR B 56 21.80 28.64 -4.21
CA THR B 56 22.17 27.95 -5.44
C THR B 56 21.07 28.16 -6.48
N GLY B 57 21.49 28.33 -7.74
CA GLY B 57 20.59 28.49 -8.86
C GLY B 57 20.68 27.31 -9.81
N TYR B 58 19.59 27.01 -10.49
CA TYR B 58 19.52 25.81 -11.31
C TYR B 58 18.62 26.05 -12.53
N GLY B 59 18.71 25.09 -13.44
CA GLY B 59 17.92 25.09 -14.65
C GLY B 59 17.89 23.69 -15.24
N HIS B 60 16.71 23.26 -15.72
CA HIS B 60 16.55 21.97 -16.36
C HIS B 60 15.91 22.19 -17.74
N TRP B 61 16.40 21.45 -18.73
CA TRP B 61 15.73 21.35 -20.01
C TRP B 61 15.72 19.88 -20.42
N HIS B 62 14.59 19.43 -20.96
CA HIS B 62 14.44 18.04 -21.36
C HIS B 62 13.55 17.95 -22.59
N TYR B 63 14.05 17.29 -23.65
CA TYR B 63 13.36 17.30 -24.92
C TYR B 63 13.19 15.88 -25.42
N ASN B 64 12.06 15.63 -26.11
CA ASN B 64 11.71 14.33 -26.64
C ASN B 64 11.73 14.39 -28.16
N PHE B 65 12.53 13.51 -28.78
CA PHE B 65 12.59 13.38 -30.22
C PHE B 65 12.06 12.02 -30.61
N GLN B 66 10.99 12.01 -31.40
CA GLN B 66 10.41 10.76 -31.88
C GLN B 66 11.23 10.21 -33.05
N GLY B 67 11.62 8.94 -32.90
CA GLY B 67 12.33 8.22 -33.95
C GLY B 67 11.40 7.30 -34.75
N ASN B 68 10.10 7.32 -34.42
CA ASN B 68 9.14 6.47 -35.11
C ASN B 68 8.45 7.26 -36.22
N ASN B 69 8.94 8.47 -36.50
CA ASN B 69 8.42 9.26 -37.61
C ASN B 69 9.31 9.09 -38.83
N SER B 70 8.87 9.67 -39.94
CA SER B 70 9.60 9.56 -41.19
C SER B 70 10.43 10.82 -41.39
N GLU B 71 10.85 11.03 -42.64
CA GLU B 71 11.61 12.22 -43.01
C GLU B 71 10.74 13.14 -43.85
N GLY B 72 9.45 12.81 -44.03
CA GLY B 72 8.53 13.63 -44.80
C GLY B 72 7.80 14.67 -43.95
N ALA B 73 6.46 14.76 -44.04
CA ALA B 73 5.69 15.80 -43.38
C ALA B 73 5.44 15.49 -41.91
N ASP B 74 5.40 14.20 -41.56
CA ASP B 74 5.14 13.75 -40.21
C ASP B 74 6.40 13.73 -39.33
N ALA B 75 7.45 14.48 -39.72
CA ALA B 75 8.79 14.28 -39.13
C ALA B 75 8.89 14.74 -37.67
N GLN B 76 7.99 15.65 -37.25
CA GLN B 76 8.04 16.24 -35.92
C GLN B 76 6.99 15.65 -34.98
N THR B 77 6.07 14.82 -35.48
CA THR B 77 4.95 14.33 -34.68
C THR B 77 5.46 13.69 -33.40
N GLY B 78 5.17 14.31 -32.25
CA GLY B 78 5.54 13.78 -30.96
C GLY B 78 6.72 14.51 -30.35
N ASN B 79 7.46 15.27 -31.16
CA ASN B 79 8.56 16.07 -30.63
C ASN B 79 7.97 17.15 -29.74
N LYS B 80 8.58 17.37 -28.58
CA LYS B 80 8.04 18.32 -27.62
C LYS B 80 9.10 18.61 -26.56
N THR B 81 8.91 19.72 -25.84
CA THR B 81 9.66 19.96 -24.64
C THR B 81 8.91 19.31 -23.47
N ARG B 82 9.57 18.41 -22.76
CA ARG B 82 9.00 17.77 -21.59
C ARG B 82 9.03 18.77 -20.44
N GLU B 83 10.23 19.30 -20.15
CA GLU B 83 10.44 20.25 -19.06
C GLU B 83 11.38 21.35 -19.52
N ALA B 84 11.21 22.56 -18.96
CA ALA B 84 12.09 23.70 -19.24
C ALA B 84 11.89 24.81 -18.20
N PHE B 85 12.78 24.88 -17.22
CA PHE B 85 12.58 25.79 -16.09
C PHE B 85 13.90 26.18 -15.47
N ALA B 86 13.82 27.22 -14.63
CA ALA B 86 14.96 27.69 -13.86
C ALA B 86 14.42 28.13 -12.49
N GLY B 87 15.33 28.28 -11.51
CA GLY B 87 14.91 28.72 -10.19
C GLY B 87 16.06 28.75 -9.19
N LEU B 88 15.74 29.15 -7.95
CA LEU B 88 16.71 29.34 -6.88
C LEU B 88 16.36 28.47 -5.67
N LYS B 89 17.39 27.94 -5.01
CA LYS B 89 17.23 27.16 -3.79
C LYS B 89 18.14 27.76 -2.73
N TYR B 90 17.56 28.07 -1.56
CA TYR B 90 18.29 28.76 -0.50
C TYR B 90 18.25 27.93 0.79
N ALA B 91 19.44 27.59 1.30
CA ALA B 91 19.66 27.07 2.66
C ALA B 91 18.57 26.09 3.08
N ASP B 92 17.89 26.40 4.20
CA ASP B 92 16.76 25.64 4.71
C ASP B 92 15.48 26.44 4.57
N VAL B 93 15.40 27.31 3.55
CA VAL B 93 14.22 28.13 3.31
C VAL B 93 13.32 27.46 2.28
N GLY B 94 13.93 26.83 1.27
CA GLY B 94 13.19 26.14 0.23
C GLY B 94 13.70 26.52 -1.15
N SER B 95 12.96 26.09 -2.19
CA SER B 95 13.30 26.39 -3.57
C SER B 95 12.09 26.96 -4.29
N PHE B 96 12.36 27.77 -5.31
CA PHE B 96 11.33 28.37 -6.14
C PHE B 96 11.79 28.23 -7.58
N ASP B 97 10.88 27.85 -8.48
CA ASP B 97 11.22 27.79 -9.89
C ASP B 97 9.97 28.02 -10.70
N TYR B 98 10.17 28.55 -11.92
CA TYR B 98 9.09 28.76 -12.86
C TYR B 98 9.46 28.15 -14.20
N GLY B 99 8.45 27.70 -14.94
CA GLY B 99 8.64 27.20 -16.30
C GLY B 99 7.63 26.10 -16.59
N ARG B 100 7.98 25.26 -17.57
CA ARG B 100 7.23 24.03 -17.82
C ARG B 100 7.79 22.94 -16.92
N ASN B 101 6.93 22.44 -16.02
CA ASN B 101 7.38 21.52 -14.98
C ASN B 101 6.23 20.57 -14.62
N HIS B 102 6.48 19.70 -13.63
CA HIS B 102 5.49 18.76 -13.16
C HIS B 102 4.46 19.51 -12.32
N GLY B 103 3.17 19.22 -12.56
CA GLY B 103 2.10 19.70 -11.71
C GLY B 103 2.29 19.15 -10.30
N VAL B 104 1.82 19.89 -9.30
CA VAL B 104 2.10 19.55 -7.92
C VAL B 104 1.38 18.25 -7.54
N VAL B 105 0.27 17.93 -8.23
CA VAL B 105 -0.50 16.73 -7.93
C VAL B 105 0.28 15.50 -8.39
N TYR B 106 1.24 15.70 -9.30
CA TYR B 106 2.15 14.61 -9.69
C TYR B 106 3.12 14.25 -8.54
N ASP B 107 3.23 15.08 -7.49
CA ASP B 107 4.02 14.72 -6.33
C ASP B 107 3.45 13.46 -5.70
N ALA B 108 2.15 13.20 -5.96
CA ALA B 108 1.48 12.03 -5.41
C ALA B 108 1.35 10.93 -6.47
N LEU B 109 0.98 11.30 -7.72
CA LEU B 109 0.73 10.34 -8.78
C LEU B 109 2.00 9.70 -9.31
N GLY B 110 3.16 10.30 -8.99
CA GLY B 110 4.47 9.74 -9.31
C GLY B 110 4.79 8.45 -8.55
N TYR B 111 4.06 8.17 -7.46
CA TYR B 111 4.31 6.97 -6.68
C TYR B 111 4.07 5.69 -7.48
N THR B 112 3.03 5.66 -8.32
CA THR B 112 2.67 4.45 -9.07
C THR B 112 3.13 4.52 -10.53
N ASP B 113 4.00 5.48 -10.83
CA ASP B 113 4.48 5.65 -12.20
C ASP B 113 5.82 4.95 -12.36
N MET B 114 5.82 3.61 -12.33
CA MET B 114 7.05 2.85 -12.23
C MET B 114 7.07 1.66 -13.21
N LEU B 115 6.09 1.60 -14.11
CA LEU B 115 5.97 0.44 -14.98
C LEU B 115 7.04 0.57 -16.06
N PRO B 116 7.54 -0.55 -16.62
CA PRO B 116 8.56 -0.47 -17.64
C PRO B 116 8.21 0.45 -18.79
N GLU B 117 6.94 0.50 -19.19
CA GLU B 117 6.54 1.34 -20.31
C GLU B 117 5.26 2.12 -20.01
N PHE B 118 4.27 1.44 -19.41
CA PHE B 118 2.95 2.02 -19.23
C PHE B 118 2.76 2.55 -17.81
N GLY B 119 1.51 2.53 -17.31
CA GLY B 119 1.18 3.04 -16.00
C GLY B 119 1.09 4.55 -16.02
N GLY B 120 0.81 5.13 -14.85
CA GLY B 120 0.63 6.57 -14.71
C GLY B 120 -0.38 7.14 -15.72
N ASP B 121 -1.50 6.45 -15.92
CA ASP B 121 -2.50 6.84 -16.90
C ASP B 121 -3.21 8.14 -16.55
N THR B 122 -3.29 8.48 -15.25
CA THR B 122 -4.03 9.65 -14.81
C THR B 122 -3.17 10.92 -14.86
N ALA B 123 -1.88 10.79 -15.20
CA ALA B 123 -0.95 11.92 -15.14
C ALA B 123 -0.80 12.54 -16.52
N TYR B 124 -1.93 13.00 -17.07
CA TYR B 124 -1.97 13.56 -18.41
C TYR B 124 -1.11 14.82 -18.49
N SER B 125 -0.55 15.08 -19.68
CA SER B 125 0.19 16.30 -19.94
C SER B 125 -0.75 17.44 -20.32
N ASP B 126 -0.39 18.68 -19.93
CA ASP B 126 -1.19 19.84 -20.25
C ASP B 126 -2.59 19.69 -19.68
N ASP B 127 -2.63 19.24 -18.42
CA ASP B 127 -3.88 18.94 -17.75
C ASP B 127 -3.80 19.42 -16.31
N PHE B 128 -3.57 20.73 -16.15
CA PHE B 128 -3.59 21.36 -14.85
C PHE B 128 -2.43 20.86 -13.98
N PHE B 129 -2.67 19.84 -13.14
CA PHE B 129 -1.75 19.57 -12.05
C PHE B 129 -1.24 18.13 -12.02
N VAL B 130 -1.71 17.27 -12.92
CA VAL B 130 -1.37 15.87 -12.81
C VAL B 130 -0.11 15.50 -13.59
N GLY B 131 0.31 16.31 -14.57
CA GLY B 131 1.47 15.95 -15.37
C GLY B 131 2.35 17.14 -15.69
N HIS B 132 3.08 17.02 -16.81
CA HIS B 132 3.86 18.13 -17.32
C HIS B 132 2.93 19.23 -17.83
N VAL B 133 3.08 20.42 -17.24
CA VAL B 133 2.25 21.56 -17.61
C VAL B 133 3.12 22.80 -17.72
N GLY B 134 2.71 23.72 -18.59
CA GLY B 134 3.49 24.92 -18.85
C GLY B 134 3.05 26.08 -17.98
N GLY B 135 4.02 26.90 -17.56
CA GLY B 135 3.73 28.10 -16.80
C GLY B 135 3.35 27.80 -15.35
N VAL B 136 4.23 27.10 -14.63
CA VAL B 136 3.99 26.80 -13.22
C VAL B 136 5.12 27.40 -12.40
N ALA B 137 4.74 28.20 -11.38
CA ALA B 137 5.66 28.67 -10.37
C ALA B 137 5.49 27.79 -9.15
N THR B 138 6.58 27.09 -8.76
CA THR B 138 6.51 26.09 -7.72
C THR B 138 7.49 26.43 -6.61
N TYR B 139 6.96 26.56 -5.39
CA TYR B 139 7.74 26.63 -4.16
C TYR B 139 7.78 25.23 -3.55
N ARG B 140 8.97 24.81 -3.13
CA ARG B 140 9.14 23.50 -2.52
C ARG B 140 9.97 23.66 -1.26
N ASN B 141 9.65 22.85 -0.25
CA ASN B 141 10.37 22.86 1.02
C ASN B 141 10.62 21.42 1.45
N SER B 142 11.90 21.07 1.61
CA SER B 142 12.28 19.74 2.04
C SER B 142 12.67 19.77 3.52
N ASN B 143 12.29 18.71 4.24
CA ASN B 143 12.63 18.54 5.64
C ASN B 143 12.08 19.67 6.49
N PHE B 144 10.90 20.19 6.08
CA PHE B 144 10.19 21.28 6.75
C PHE B 144 11.16 22.28 7.37
N PHE B 145 11.77 23.11 6.52
CA PHE B 145 12.69 24.15 6.93
C PHE B 145 13.89 23.58 7.69
N GLY B 146 14.24 22.32 7.41
CA GLY B 146 15.37 21.66 8.07
C GLY B 146 15.11 21.33 9.56
N LEU B 147 13.83 21.25 9.96
CA LEU B 147 13.46 20.97 11.35
C LEU B 147 12.96 19.54 11.48
N VAL B 148 12.14 19.08 10.53
CA VAL B 148 11.51 17.77 10.59
C VAL B 148 11.94 16.95 9.37
N ASP B 149 12.74 15.90 9.59
CA ASP B 149 13.30 15.12 8.50
C ASP B 149 12.22 14.21 7.90
N GLY B 150 12.19 14.19 6.55
CA GLY B 150 11.23 13.40 5.79
C GLY B 150 9.97 14.17 5.44
N LEU B 151 9.73 15.35 6.07
CA LEU B 151 8.48 16.08 5.90
C LEU B 151 8.68 17.20 4.89
N ASN B 152 8.21 16.96 3.66
CA ASN B 152 8.36 17.91 2.57
C ASN B 152 6.97 18.40 2.16
N PHE B 153 6.94 19.60 1.55
CA PHE B 153 5.69 20.11 1.04
C PHE B 153 6.01 21.06 -0.11
N ALA B 154 4.96 21.47 -0.83
CA ALA B 154 5.11 22.35 -1.96
C ALA B 154 3.80 23.08 -2.23
N VAL B 155 3.92 24.34 -2.63
CA VAL B 155 2.78 25.10 -3.13
C VAL B 155 3.08 25.56 -4.55
N GLN B 156 2.05 25.63 -5.39
CA GLN B 156 2.24 25.89 -6.80
C GLN B 156 1.15 26.84 -7.26
N TYR B 157 1.56 27.85 -8.06
CA TYR B 157 0.65 28.71 -8.77
C TYR B 157 0.68 28.33 -10.25
N LEU B 158 -0.46 27.92 -10.81
CA LEU B 158 -0.56 27.60 -12.23
C LEU B 158 -1.03 28.84 -13.00
N GLY B 159 -0.23 29.28 -13.98
CA GLY B 159 -0.61 30.38 -14.84
C GLY B 159 -1.66 29.97 -15.89
N LYS B 160 -2.42 30.95 -16.35
CA LYS B 160 -3.42 30.75 -17.37
C LYS B 160 -2.71 30.48 -18.70
N ASN B 161 -3.13 29.40 -19.37
CA ASN B 161 -2.63 29.04 -20.68
C ASN B 161 -3.82 28.92 -21.63
N GLU B 162 -4.16 30.02 -22.31
CA GLU B 162 -5.25 30.01 -23.27
C GLU B 162 -4.73 29.59 -24.64
N ARG B 163 -4.91 28.31 -25.00
CA ARG B 163 -4.41 27.79 -26.27
C ARG B 163 -5.55 27.59 -27.29
N ASP B 164 -5.19 27.13 -28.50
CA ASP B 164 -6.14 26.95 -29.58
C ASP B 164 -7.17 25.87 -29.22
N THR B 165 -6.74 24.83 -28.47
CA THR B 165 -7.59 23.71 -28.16
C THR B 165 -8.01 23.76 -26.69
N ALA B 166 -9.21 23.22 -26.41
CA ALA B 166 -9.70 23.13 -25.05
C ALA B 166 -8.96 22.05 -24.26
N ARG B 167 -8.41 21.04 -24.95
CA ARG B 167 -7.72 19.95 -24.27
C ARG B 167 -6.47 20.46 -23.54
N ARG B 168 -5.72 21.36 -24.19
CA ARG B 168 -4.40 21.75 -23.70
C ARG B 168 -4.43 23.11 -22.98
N SER B 169 -5.63 23.65 -22.72
CA SER B 169 -5.76 24.97 -22.09
C SER B 169 -6.04 24.84 -20.60
N ASN B 170 -5.87 25.96 -19.90
CA ASN B 170 -6.17 26.07 -18.47
C ASN B 170 -6.25 27.55 -18.07
N GLY B 171 -6.93 27.81 -16.95
CA GLY B 171 -6.94 29.12 -16.31
C GLY B 171 -6.05 29.17 -15.07
N ASP B 172 -6.14 30.28 -14.33
CA ASP B 172 -5.34 30.44 -13.12
C ASP B 172 -5.70 29.36 -12.11
N GLY B 173 -4.72 28.91 -11.34
CA GLY B 173 -4.95 27.92 -10.32
C GLY B 173 -3.90 27.97 -9.21
N VAL B 174 -4.23 27.29 -8.11
CA VAL B 174 -3.32 27.09 -7.00
C VAL B 174 -3.38 25.63 -6.59
N GLY B 175 -2.30 25.14 -5.99
CA GLY B 175 -2.24 23.75 -5.59
C GLY B 175 -1.13 23.57 -4.57
N GLY B 176 -1.13 22.39 -3.93
CA GLY B 176 -0.13 22.06 -2.92
C GLY B 176 -0.05 20.55 -2.69
N SER B 177 0.99 20.15 -1.95
CA SER B 177 1.21 18.76 -1.61
C SER B 177 2.01 18.70 -0.32
N ILE B 178 1.78 17.63 0.44
CA ILE B 178 2.54 17.35 1.65
C ILE B 178 2.94 15.88 1.57
N SER B 179 4.15 15.56 2.05
CA SER B 179 4.60 14.18 2.07
C SER B 179 5.46 13.94 3.30
N TYR B 180 5.45 12.67 3.76
CA TYR B 180 6.32 12.22 4.84
C TYR B 180 6.99 10.91 4.43
N GLU B 181 8.26 10.73 4.81
CA GLU B 181 9.00 9.52 4.50
C GLU B 181 9.75 9.01 5.74
N TYR B 182 9.50 7.75 6.12
CA TYR B 182 10.02 7.19 7.34
C TYR B 182 10.29 5.69 7.17
N GLU B 183 11.53 5.25 7.45
CA GLU B 183 11.93 3.85 7.45
C GLU B 183 11.42 3.10 6.23
N GLY B 184 11.56 3.69 5.03
CA GLY B 184 11.28 2.97 3.80
C GLY B 184 9.92 3.36 3.21
N PHE B 185 9.03 3.89 4.04
CA PHE B 185 7.69 4.23 3.59
C PHE B 185 7.64 5.70 3.17
N GLY B 186 6.70 6.02 2.27
CA GLY B 186 6.36 7.38 1.94
C GLY B 186 4.86 7.55 1.77
N ILE B 187 4.27 8.53 2.47
CA ILE B 187 2.87 8.88 2.30
C ILE B 187 2.79 10.31 1.78
N VAL B 188 1.76 10.60 0.99
CA VAL B 188 1.69 11.86 0.28
C VAL B 188 0.24 12.20 -0.01
N GLY B 189 -0.06 13.50 -0.07
CA GLY B 189 -1.36 13.98 -0.52
C GLY B 189 -1.20 15.32 -1.22
N ALA B 190 -1.98 15.53 -2.27
CA ALA B 190 -1.83 16.72 -3.09
C ALA B 190 -3.18 17.17 -3.61
N TYR B 191 -3.35 18.49 -3.68
CA TYR B 191 -4.60 19.09 -4.13
C TYR B 191 -4.30 20.23 -5.11
N GLY B 192 -5.25 20.48 -6.02
CA GLY B 192 -5.15 21.60 -6.94
C GLY B 192 -6.50 21.93 -7.57
N ALA B 193 -6.86 23.22 -7.52
CA ALA B 193 -8.03 23.74 -8.22
C ALA B 193 -7.61 24.89 -9.13
N ALA B 194 -8.35 25.05 -10.23
CA ALA B 194 -8.06 26.08 -11.20
C ALA B 194 -9.32 26.45 -11.99
N ASP B 195 -9.36 27.67 -12.52
CA ASP B 195 -10.40 28.10 -13.45
C ASP B 195 -10.26 27.33 -14.76
N ARG B 196 -11.40 27.03 -15.41
CA ARG B 196 -11.41 26.57 -16.79
C ARG B 196 -11.55 27.76 -17.73
N THR B 197 -11.08 27.60 -18.96
CA THR B 197 -11.23 28.64 -19.97
C THR B 197 -12.63 28.54 -20.56
N ASN B 198 -13.08 29.63 -21.18
CA ASN B 198 -14.36 29.66 -21.87
C ASN B 198 -14.42 28.60 -22.96
N LEU B 199 -13.31 28.36 -23.67
CA LEU B 199 -13.29 27.37 -24.74
C LEU B 199 -13.48 25.97 -24.15
N GLN B 200 -12.97 25.74 -22.94
CA GLN B 200 -13.19 24.47 -22.26
C GLN B 200 -14.67 24.33 -21.86
N GLU B 201 -15.26 25.42 -21.36
CA GLU B 201 -16.66 25.45 -20.97
C GLU B 201 -17.54 25.17 -22.19
N ALA B 202 -17.14 25.66 -23.36
CA ALA B 202 -17.94 25.52 -24.57
C ALA B 202 -17.93 24.10 -25.16
N GLN B 203 -17.17 23.16 -24.56
CA GLN B 203 -17.14 21.78 -25.06
C GLN B 203 -18.42 21.03 -24.66
N PRO B 204 -18.85 20.02 -25.44
CA PRO B 204 -19.98 19.17 -25.07
C PRO B 204 -19.85 18.48 -23.70
N LEU B 205 -18.67 17.87 -23.46
CA LEU B 205 -18.43 17.06 -22.28
C LEU B 205 -17.79 17.89 -21.18
N GLY B 206 -18.37 17.83 -19.98
CA GLY B 206 -17.88 18.56 -18.81
C GLY B 206 -18.65 19.86 -18.60
N ASN B 207 -18.86 20.22 -17.33
CA ASN B 207 -19.59 21.42 -16.98
C ASN B 207 -19.16 21.88 -15.59
N GLY B 208 -18.67 23.14 -15.53
CA GLY B 208 -18.25 23.72 -14.27
C GLY B 208 -17.20 24.83 -14.45
N LYS B 209 -17.31 25.89 -13.64
CA LYS B 209 -16.44 27.05 -13.77
C LYS B 209 -15.06 26.75 -13.17
N LYS B 210 -14.88 25.62 -12.50
CA LYS B 210 -13.61 25.30 -11.85
C LYS B 210 -13.24 23.82 -12.06
N ALA B 211 -11.95 23.57 -12.28
CA ALA B 211 -11.41 22.22 -12.32
C ALA B 211 -10.77 21.88 -10.99
N GLU B 212 -10.79 20.58 -10.65
CA GLU B 212 -10.23 20.14 -9.39
C GLU B 212 -9.51 18.80 -9.58
N GLN B 213 -8.33 18.66 -8.95
CA GLN B 213 -7.57 17.42 -8.96
C GLN B 213 -6.88 17.25 -7.62
N TRP B 214 -7.12 16.11 -6.98
CA TRP B 214 -6.41 15.72 -5.78
C TRP B 214 -6.14 14.21 -5.78
N ALA B 215 -5.17 13.81 -4.94
CA ALA B 215 -4.78 12.41 -4.87
C ALA B 215 -3.92 12.20 -3.65
N THR B 216 -4.01 10.98 -3.10
CA THR B 216 -3.19 10.53 -1.99
C THR B 216 -2.37 9.35 -2.48
N GLY B 217 -1.41 8.93 -1.67
CA GLY B 217 -0.60 7.78 -2.08
C GLY B 217 0.33 7.27 -0.98
N LEU B 218 0.59 5.95 -1.04
CA LEU B 218 1.53 5.32 -0.13
C LEU B 218 2.51 4.54 -0.99
N LYS B 219 3.77 4.51 -0.54
CA LYS B 219 4.77 3.70 -1.22
C LYS B 219 5.68 3.05 -0.17
N TYR B 220 6.24 1.90 -0.54
CA TYR B 220 7.30 1.24 0.21
C TYR B 220 8.44 0.96 -0.77
N ASP B 221 9.57 1.64 -0.56
CA ASP B 221 10.71 1.58 -1.46
C ASP B 221 11.95 1.25 -0.65
N ALA B 222 12.10 -0.03 -0.34
CA ALA B 222 13.25 -0.52 0.39
C ALA B 222 13.31 -2.04 0.28
N ASN B 223 14.46 -2.59 0.65
CA ASN B 223 14.69 -4.02 0.68
C ASN B 223 14.36 -4.66 -0.67
N ASN B 224 14.69 -3.95 -1.76
CA ASN B 224 14.51 -4.43 -3.12
C ASN B 224 13.04 -4.52 -3.50
N ILE B 225 12.13 -4.05 -2.65
CA ILE B 225 10.72 -4.11 -2.95
C ILE B 225 10.26 -2.70 -3.32
N TYR B 226 9.35 -2.63 -4.30
CA TYR B 226 8.61 -1.40 -4.55
C TYR B 226 7.11 -1.72 -4.53
N LEU B 227 6.40 -1.13 -3.55
CA LEU B 227 4.96 -1.29 -3.46
C LEU B 227 4.36 0.10 -3.34
N ALA B 228 3.35 0.40 -4.18
CA ALA B 228 2.72 1.70 -4.11
C ALA B 228 1.24 1.61 -4.46
N ALA B 229 0.49 2.59 -3.97
CA ALA B 229 -0.93 2.70 -4.19
C ALA B 229 -1.31 4.18 -4.28
N ASN B 230 -2.15 4.51 -5.28
CA ASN B 230 -2.63 5.86 -5.48
C ASN B 230 -4.15 5.85 -5.56
N TYR B 231 -4.75 6.87 -4.94
CA TYR B 231 -6.16 7.16 -5.13
C TYR B 231 -6.30 8.64 -5.44
N GLY B 232 -7.06 8.93 -6.50
CA GLY B 232 -7.29 10.31 -6.90
C GLY B 232 -8.71 10.54 -7.37
N GLU B 233 -9.14 11.80 -7.27
CA GLU B 233 -10.44 12.22 -7.76
C GLU B 233 -10.30 13.54 -8.51
N THR B 234 -11.01 13.65 -9.64
CA THR B 234 -10.98 14.86 -10.44
C THR B 234 -12.38 15.40 -10.67
N ARG B 235 -12.42 16.71 -10.91
CA ARG B 235 -13.63 17.43 -11.32
C ARG B 235 -13.33 18.21 -12.60
N ASN B 236 -14.07 17.91 -13.67
CA ASN B 236 -14.02 18.71 -14.88
C ASN B 236 -12.58 18.82 -15.41
N ALA B 237 -11.73 17.84 -15.10
CA ALA B 237 -10.31 17.96 -15.39
C ALA B 237 -9.79 16.82 -16.25
N THR B 238 -10.34 15.60 -16.12
CA THR B 238 -9.79 14.48 -16.88
C THR B 238 -10.28 14.57 -18.33
N PRO B 239 -9.35 14.65 -19.34
CA PRO B 239 -9.78 14.77 -20.72
C PRO B 239 -10.33 13.46 -21.26
N ILE B 240 -11.51 13.54 -21.88
CA ILE B 240 -12.18 12.37 -22.41
C ILE B 240 -12.48 12.61 -23.88
N THR B 241 -12.76 11.51 -24.57
CA THR B 241 -13.16 11.55 -25.96
C THR B 241 -14.19 10.47 -26.22
N ASN B 242 -15.27 10.86 -26.92
CA ASN B 242 -16.28 9.92 -27.40
C ASN B 242 -15.98 9.57 -28.86
N LYS B 243 -15.37 8.40 -29.09
CA LYS B 243 -14.96 7.97 -30.43
C LYS B 243 -16.19 7.60 -31.28
N PHE B 244 -17.40 7.62 -30.73
CA PHE B 244 -18.60 7.31 -31.49
C PHE B 244 -19.17 8.55 -32.14
N THR B 245 -19.56 9.54 -31.33
CA THR B 245 -20.11 10.78 -31.85
C THR B 245 -18.98 11.76 -32.17
N ASN B 246 -17.72 11.33 -32.00
CA ASN B 246 -16.55 12.10 -32.38
C ASN B 246 -16.58 13.48 -31.73
N THR B 247 -16.83 13.51 -30.41
CA THR B 247 -16.75 14.71 -29.62
C THR B 247 -15.67 14.52 -28.55
N SER B 248 -15.28 15.63 -27.93
CA SER B 248 -14.31 15.60 -26.85
C SER B 248 -14.73 16.58 -25.76
N GLY B 249 -14.09 16.47 -24.59
CA GLY B 249 -14.27 17.44 -23.53
C GLY B 249 -13.53 17.00 -22.27
N PHE B 250 -14.20 17.12 -21.13
CA PHE B 250 -13.65 16.71 -19.85
C PHE B 250 -14.70 15.97 -19.06
N ALA B 251 -14.25 15.02 -18.23
CA ALA B 251 -15.14 14.25 -17.39
C ALA B 251 -15.53 15.08 -16.17
N ASN B 252 -16.83 15.12 -15.86
CA ASN B 252 -17.32 15.88 -14.73
C ASN B 252 -16.72 15.37 -13.43
N LYS B 253 -16.36 14.07 -13.41
CA LYS B 253 -15.85 13.44 -12.21
C LYS B 253 -15.14 12.14 -12.60
N THR B 254 -13.98 11.87 -11.98
CA THR B 254 -13.30 10.59 -12.13
C THR B 254 -12.83 10.06 -10.77
N GLN B 255 -12.88 8.74 -10.61
CA GLN B 255 -12.25 8.08 -9.49
C GLN B 255 -11.10 7.23 -10.02
N ASP B 256 -9.91 7.51 -9.49
CA ASP B 256 -8.69 6.92 -10.02
C ASP B 256 -8.08 6.01 -8.96
N VAL B 257 -7.72 4.78 -9.37
CA VAL B 257 -7.03 3.84 -8.50
C VAL B 257 -5.85 3.22 -9.25
N LEU B 258 -4.64 3.33 -8.68
CA LEU B 258 -3.46 2.71 -9.26
C LEU B 258 -2.68 1.95 -8.17
N LEU B 259 -2.37 0.69 -8.46
CA LEU B 259 -1.54 -0.12 -7.59
C LEU B 259 -0.36 -0.62 -8.40
N VAL B 260 0.69 -1.01 -7.68
CA VAL B 260 1.91 -1.48 -8.33
C VAL B 260 2.77 -2.22 -7.32
N ALA B 261 3.34 -3.33 -7.78
CA ALA B 261 4.27 -4.10 -6.99
C ALA B 261 5.43 -4.56 -7.86
N GLN B 262 6.66 -4.27 -7.41
CA GLN B 262 7.86 -4.71 -8.10
C GLN B 262 8.88 -5.26 -7.10
N TYR B 263 9.71 -6.18 -7.60
CA TYR B 263 10.82 -6.72 -6.84
C TYR B 263 12.06 -6.63 -7.72
N GLN B 264 13.16 -6.17 -7.14
CA GLN B 264 14.42 -6.01 -7.84
C GLN B 264 15.36 -7.13 -7.43
N PHE B 265 15.59 -8.07 -8.36
CA PHE B 265 16.56 -9.12 -8.15
C PHE B 265 17.97 -8.56 -8.30
N ASP B 266 18.92 -9.12 -7.53
CA ASP B 266 20.31 -8.71 -7.54
C ASP B 266 20.90 -8.73 -8.96
N PHE B 267 20.58 -9.76 -9.74
CA PHE B 267 21.17 -9.96 -11.06
C PHE B 267 20.43 -9.14 -12.15
N GLY B 268 19.55 -8.20 -11.76
CA GLY B 268 19.11 -7.17 -12.68
C GLY B 268 17.65 -7.27 -13.11
N LEU B 269 17.02 -8.43 -12.94
CA LEU B 269 15.65 -8.61 -13.40
C LEU B 269 14.69 -8.01 -12.40
N ARG B 270 13.79 -7.16 -12.88
CA ARG B 270 12.84 -6.46 -12.02
C ARG B 270 11.43 -6.68 -12.51
N PRO B 271 10.76 -7.79 -12.11
CA PRO B 271 9.38 -8.02 -12.50
C PRO B 271 8.44 -7.08 -11.80
N SER B 272 7.27 -6.84 -12.42
CA SER B 272 6.28 -5.92 -11.87
C SER B 272 4.87 -6.41 -12.15
N ILE B 273 3.96 -6.13 -11.21
CA ILE B 273 2.54 -6.28 -11.44
C ILE B 273 1.86 -4.99 -11.02
N ALA B 274 0.73 -4.69 -11.65
CA ALA B 274 0.06 -3.43 -11.39
C ALA B 274 -1.41 -3.51 -11.76
N TYR B 275 -2.18 -2.63 -11.12
CA TYR B 275 -3.59 -2.48 -11.43
C TYR B 275 -3.85 -0.99 -11.64
N THR B 276 -4.77 -0.70 -12.56
CA THR B 276 -5.15 0.68 -12.83
C THR B 276 -6.62 0.72 -13.25
N LYS B 277 -7.39 1.57 -12.59
CA LYS B 277 -8.81 1.71 -12.89
C LYS B 277 -9.24 3.15 -12.71
N SER B 278 -9.75 3.74 -13.80
CA SER B 278 -10.23 5.11 -13.81
C SER B 278 -11.66 5.13 -14.33
N LYS B 279 -12.61 5.57 -13.48
CA LYS B 279 -14.02 5.55 -13.82
C LYS B 279 -14.51 7.00 -13.89
N ALA B 280 -15.04 7.39 -15.06
CA ALA B 280 -15.65 8.70 -15.22
C ALA B 280 -17.13 8.60 -14.92
N LYS B 281 -17.66 9.68 -14.35
CA LYS B 281 -19.05 9.74 -13.93
C LYS B 281 -19.69 11.04 -14.41
N ASP B 282 -21.02 11.02 -14.53
CA ASP B 282 -21.82 12.18 -14.88
C ASP B 282 -21.47 12.69 -16.29
N VAL B 283 -21.01 11.78 -17.16
CA VAL B 283 -20.64 12.14 -18.51
C VAL B 283 -21.91 12.43 -19.32
N GLU B 284 -21.91 13.57 -20.02
CA GLU B 284 -23.04 14.01 -20.83
C GLU B 284 -23.42 12.94 -21.86
N GLY B 285 -24.68 12.52 -21.86
CA GLY B 285 -25.18 11.59 -22.86
C GLY B 285 -24.83 10.14 -22.54
N ILE B 286 -23.78 9.92 -21.74
CA ILE B 286 -23.25 8.59 -21.50
C ILE B 286 -23.62 8.14 -20.09
N GLY B 287 -23.40 9.00 -19.09
CA GLY B 287 -23.57 8.62 -17.69
C GLY B 287 -22.25 8.17 -17.07
N ASP B 288 -22.16 6.89 -16.69
CA ASP B 288 -20.95 6.32 -16.11
C ASP B 288 -20.23 5.50 -17.18
N VAL B 289 -18.89 5.59 -17.17
CA VAL B 289 -18.09 4.89 -18.15
C VAL B 289 -16.65 4.81 -17.63
N ASP B 290 -16.02 3.65 -17.81
CA ASP B 290 -14.62 3.46 -17.46
C ASP B 290 -13.71 4.01 -18.56
N LEU B 291 -12.62 4.68 -18.13
CA LEU B 291 -11.61 5.23 -19.02
C LEU B 291 -10.39 4.31 -19.11
N VAL B 292 -9.94 3.83 -17.96
CA VAL B 292 -8.81 2.91 -17.90
C VAL B 292 -9.18 1.78 -16.93
N ASN B 293 -8.81 0.55 -17.29
CA ASN B 293 -9.10 -0.60 -16.46
C ASN B 293 -8.27 -1.76 -16.95
N TYR B 294 -7.11 -2.00 -16.34
CA TYR B 294 -6.25 -3.10 -16.77
C TYR B 294 -5.45 -3.68 -15.60
N PHE B 295 -4.89 -4.87 -15.82
CA PHE B 295 -3.82 -5.43 -15.01
C PHE B 295 -2.57 -5.46 -15.86
N GLU B 296 -1.43 -5.25 -15.23
CA GLU B 296 -0.17 -5.22 -15.94
C GLU B 296 0.75 -6.29 -15.37
N VAL B 297 1.47 -6.95 -16.27
CA VAL B 297 2.50 -7.92 -15.92
C VAL B 297 3.70 -7.65 -16.79
N GLY B 298 4.83 -7.29 -16.18
CA GLY B 298 6.00 -6.96 -16.97
C GLY B 298 7.29 -7.25 -16.21
N ALA B 299 8.41 -7.02 -16.89
CA ALA B 299 9.71 -7.08 -16.24
C ALA B 299 10.71 -6.24 -17.04
N THR B 300 11.68 -5.68 -16.32
CA THR B 300 12.81 -5.00 -16.94
C THR B 300 14.07 -5.78 -16.54
N TYR B 301 14.99 -5.94 -17.49
CA TYR B 301 16.31 -6.47 -17.18
C TYR B 301 17.31 -5.32 -17.21
N TYR B 302 17.88 -4.98 -16.05
CA TYR B 302 18.89 -3.94 -15.95
C TYR B 302 20.28 -4.56 -16.11
N PHE B 303 20.92 -4.30 -17.25
CA PHE B 303 22.31 -4.69 -17.43
C PHE B 303 23.20 -3.86 -16.50
N ASN B 304 22.97 -2.54 -16.43
CA ASN B 304 23.62 -1.67 -15.46
C ASN B 304 22.90 -0.32 -15.47
N LYS B 305 23.56 0.71 -14.93
CA LYS B 305 22.96 2.03 -14.79
C LYS B 305 22.72 2.66 -16.16
N ASN B 306 23.16 2.03 -17.26
CA ASN B 306 23.11 2.66 -18.57
C ASN B 306 22.39 1.81 -19.63
N MET B 307 21.96 0.60 -19.30
CA MET B 307 21.41 -0.26 -20.35
C MET B 307 20.36 -1.18 -19.76
N SER B 308 19.25 -1.38 -20.49
CA SER B 308 18.16 -2.19 -20.00
C SER B 308 17.23 -2.61 -21.14
N THR B 309 16.68 -3.81 -20.97
CA THR B 309 15.63 -4.35 -21.82
C THR B 309 14.37 -4.45 -20.97
N TYR B 310 13.22 -4.44 -21.62
CA TYR B 310 11.99 -4.68 -20.90
C TYR B 310 10.89 -5.17 -21.82
N VAL B 311 9.94 -5.88 -21.20
CA VAL B 311 8.67 -6.24 -21.81
C VAL B 311 7.56 -5.82 -20.85
N ASP B 312 6.48 -5.28 -21.41
CA ASP B 312 5.36 -4.84 -20.61
C ASP B 312 4.07 -5.34 -21.25
N TYR B 313 3.31 -6.16 -20.50
CA TYR B 313 2.03 -6.70 -20.95
C TYR B 313 0.87 -6.02 -20.21
N ILE B 314 -0.10 -5.53 -21.00
CA ILE B 314 -1.32 -4.96 -20.45
C ILE B 314 -2.48 -5.94 -20.70
N ILE B 315 -3.00 -6.52 -19.63
CA ILE B 315 -4.24 -7.29 -19.72
C ILE B 315 -5.39 -6.29 -19.56
N ASN B 316 -5.95 -5.90 -20.71
CA ASN B 316 -6.94 -4.83 -20.75
C ASN B 316 -8.31 -5.38 -20.39
N GLN B 317 -8.93 -4.80 -19.35
CA GLN B 317 -10.21 -5.26 -18.84
C GLN B 317 -11.36 -4.42 -19.37
N ILE B 318 -11.05 -3.35 -20.10
CA ILE B 318 -12.08 -2.54 -20.74
C ILE B 318 -12.92 -3.43 -21.66
N ASP B 319 -14.24 -3.32 -21.54
CA ASP B 319 -15.13 -4.20 -22.28
C ASP B 319 -15.25 -3.68 -23.71
N SER B 320 -15.58 -4.58 -24.63
CA SER B 320 -15.67 -4.27 -26.05
C SER B 320 -16.78 -3.29 -26.38
N ASP B 321 -17.78 -3.15 -25.50
CA ASP B 321 -18.91 -2.28 -25.75
C ASP B 321 -18.82 -1.02 -24.89
N ASN B 322 -17.60 -0.58 -24.54
CA ASN B 322 -17.34 0.65 -23.81
C ASN B 322 -18.08 1.80 -24.49
N LYS B 323 -18.81 2.58 -23.68
CA LYS B 323 -19.68 3.61 -24.20
C LYS B 323 -18.91 4.74 -24.88
N LEU B 324 -17.69 5.04 -24.41
CA LEU B 324 -16.88 6.13 -24.95
C LEU B 324 -16.02 5.66 -26.12
N GLY B 325 -16.05 4.36 -26.42
CA GLY B 325 -15.27 3.83 -27.53
C GLY B 325 -13.83 3.51 -27.13
N VAL B 326 -13.54 3.51 -25.82
CA VAL B 326 -12.19 3.25 -25.36
C VAL B 326 -11.78 1.87 -25.86
N GLY B 327 -10.55 1.77 -26.36
CA GLY B 327 -10.05 0.52 -26.92
C GLY B 327 -9.97 -0.57 -25.86
N SER B 328 -10.26 -1.80 -26.28
CA SER B 328 -10.44 -2.92 -25.36
C SER B 328 -9.36 -4.01 -25.52
N ASP B 329 -8.50 -3.92 -26.54
CA ASP B 329 -7.52 -4.96 -26.80
C ASP B 329 -6.30 -4.80 -25.89
N ASP B 330 -5.55 -5.90 -25.77
CA ASP B 330 -4.30 -5.91 -25.03
C ASP B 330 -3.20 -5.28 -25.88
N THR B 331 -2.07 -4.95 -25.23
CA THR B 331 -0.91 -4.39 -25.90
C THR B 331 0.36 -4.84 -25.19
N VAL B 332 1.41 -5.15 -25.97
CA VAL B 332 2.67 -5.62 -25.43
C VAL B 332 3.75 -4.69 -25.95
N ALA B 333 4.56 -4.14 -25.03
CA ALA B 333 5.69 -3.29 -25.40
C ALA B 333 6.98 -4.04 -25.14
N VAL B 334 7.90 -3.98 -26.13
CA VAL B 334 9.24 -4.54 -26.01
C VAL B 334 10.24 -3.43 -26.26
N GLY B 335 11.13 -3.21 -25.29
CA GLY B 335 11.98 -2.03 -25.29
C GLY B 335 13.45 -2.37 -25.01
N ILE B 336 14.34 -1.58 -25.63
CA ILE B 336 15.76 -1.63 -25.36
C ILE B 336 16.29 -0.21 -25.20
N VAL B 337 16.93 0.08 -24.05
CA VAL B 337 17.20 1.44 -23.65
C VAL B 337 18.67 1.63 -23.33
N TYR B 338 19.31 2.55 -24.05
CA TYR B 338 20.60 3.10 -23.65
C TYR B 338 20.37 4.52 -23.11
N GLN B 339 20.89 4.79 -21.91
CA GLN B 339 20.74 6.09 -21.29
C GLN B 339 22.04 6.46 -20.57
N PHE B 340 22.30 7.77 -20.52
CA PHE B 340 23.42 8.29 -19.73
C PHE B 340 22.94 9.50 -18.94
ZN ZN C . -13.95 -15.61 17.02
ZN ZN D . -9.05 -13.37 16.63
ZN ZN E . 13.86 15.72 -16.93
ZN ZN F . 8.82 14.48 -16.02
#